data_4NU6
#
_entry.id   4NU6
#
_cell.length_a   116.119
_cell.length_b   81.472
_cell.length_c   82.150
_cell.angle_alpha   90.000
_cell.angle_beta   90.000
_cell.angle_gamma   90.000
#
_symmetry.space_group_name_H-M   'P 21 21 2'
#
loop_
_entity.id
_entity.type
_entity.pdbx_description
1 polymer 'Phosphonate dehydrogenase'
2 non-polymer NICOTINAMIDE-ADENINE-DINUCLEOTIDE
3 non-polymer 'SULFATE ION'
4 water water
#
_entity_poly.entity_id   1
_entity_poly.type   'polypeptide(L)'
_entity_poly.pdbx_seq_one_letter_code
;MLPKLVITHRVHEEILQLLAPHCELITNQTDSTLTREEILRRCRDAQAMMAFMPDRVDADFLQACPELRVIGCALKGFDN
FDVDACTARGVWLTFVPDLLTVPTAELAIGLAVGLGRHLRAADAFVRSGKFRGWQPRFYGTGLDNATVGFLGMGAIGLAM
ADRLQGWGATLQYHEAKALDTQTEQRLGLRQVACSELFASSDFILLALPLNADTLHLVNAELLALVRPGALLVNPCRGSV
VDEAAVLAALERGQLGGYAADVFEMEDWARADRPQQIDPALLAHPNTLFTPHIGSAVRAVKLEIERCAAQNILQALAGER
PINAVNRLP
;
_entity_poly.pdbx_strand_id   A,B
#
loop_
_chem_comp.id
_chem_comp.type
_chem_comp.name
_chem_comp.formula
NAD non-polymer NICOTINAMIDE-ADENINE-DINUCLEOTIDE 'C21 H27 N7 O14 P2'
SO4 non-polymer 'SULFATE ION' 'O4 S -2'
#
# COMPACT_ATOMS: atom_id res chain seq x y z
N MET A 1 -13.69 40.48 -26.98
CA MET A 1 -13.85 39.83 -28.31
C MET A 1 -13.24 38.40 -28.39
N LEU A 2 -12.20 38.13 -27.58
CA LEU A 2 -11.53 36.81 -27.50
C LEU A 2 -12.50 35.69 -27.08
N PRO A 3 -12.21 34.42 -27.49
CA PRO A 3 -13.13 33.31 -27.14
C PRO A 3 -13.30 33.20 -25.62
N LYS A 4 -14.48 32.79 -25.15
CA LYS A 4 -14.69 32.67 -23.71
C LYS A 4 -14.54 31.22 -23.23
N LEU A 5 -13.61 30.98 -22.29
CA LEU A 5 -13.41 29.64 -21.68
C LEU A 5 -13.83 29.54 -20.21
N VAL A 6 -14.78 28.66 -19.93
CA VAL A 6 -15.24 28.42 -18.58
C VAL A 6 -14.43 27.30 -17.96
N ILE A 7 -13.75 27.57 -16.84
CA ILE A 7 -12.98 26.52 -16.14
C ILE A 7 -13.65 26.21 -14.80
N THR A 8 -14.23 25.01 -14.68
CA THR A 8 -15.16 24.76 -13.57
C THR A 8 -14.52 24.59 -12.18
N HIS A 9 -13.21 24.31 -12.12
CA HIS A 9 -12.50 24.09 -10.85
C HIS A 9 -11.12 24.82 -10.80
N ARG A 10 -10.51 24.91 -9.62
CA ARG A 10 -9.21 25.58 -9.50
C ARG A 10 -8.21 24.86 -10.36
N VAL A 11 -7.50 25.59 -11.22
CA VAL A 11 -6.29 25.06 -11.84
C VAL A 11 -5.09 25.89 -11.38
N HIS A 12 -3.87 25.46 -11.69
CA HIS A 12 -2.69 26.22 -11.24
C HIS A 12 -2.62 27.62 -11.87
N GLU A 13 -2.09 28.55 -11.09
CA GLU A 13 -1.73 29.88 -11.58
C GLU A 13 -1.08 29.82 -12.98
N GLU A 14 -0.13 28.92 -13.15
CA GLU A 14 0.66 28.85 -14.37
C GLU A 14 -0.15 28.45 -15.60
N ILE A 15 -1.22 27.70 -15.37
CA ILE A 15 -2.10 27.24 -16.44
C ILE A 15 -2.92 28.38 -17.01
N LEU A 16 -3.48 29.20 -16.10
CA LEU A 16 -4.23 30.38 -16.51
C LEU A 16 -3.33 31.25 -17.39
N GLN A 17 -2.15 31.55 -16.89
CA GLN A 17 -1.19 32.38 -17.61
C GLN A 17 -0.92 31.88 -19.00
N LEU A 18 -1.07 30.58 -19.20
CA LEU A 18 -0.92 29.99 -20.54
C LEU A 18 -2.16 30.20 -21.41
N LEU A 19 -3.34 30.23 -20.78
CA LEU A 19 -4.57 30.40 -21.51
C LEU A 19 -4.91 31.85 -21.78
N ALA A 20 -4.56 32.71 -20.82
CA ALA A 20 -5.04 34.10 -20.79
C ALA A 20 -4.88 34.95 -22.07
N PRO A 21 -3.71 34.86 -22.75
CA PRO A 21 -3.55 35.56 -24.04
C PRO A 21 -4.58 35.15 -25.10
N HIS A 22 -4.99 33.89 -25.11
CA HIS A 22 -5.80 33.40 -26.21
C HIS A 22 -7.30 33.43 -25.94
N CYS A 23 -7.71 33.44 -24.67
CA CYS A 23 -9.15 33.56 -24.33
C CYS A 23 -9.44 34.22 -23.00
N GLU A 24 -10.64 34.78 -22.87
CA GLU A 24 -11.04 35.34 -21.60
C GLU A 24 -11.57 34.24 -20.70
N LEU A 25 -11.17 34.33 -19.44
CA LEU A 25 -11.31 33.24 -18.52
C LEU A 25 -12.45 33.47 -17.55
N ILE A 26 -13.38 32.51 -17.53
CA ILE A 26 -14.38 32.42 -16.47
C ILE A 26 -14.00 31.26 -15.57
N THR A 27 -13.27 31.59 -14.50
CA THR A 27 -12.61 30.61 -13.69
C THR A 27 -13.30 30.35 -12.37
N ASN A 28 -12.92 29.26 -11.70
CA ASN A 28 -13.35 28.98 -10.32
C ASN A 28 -12.15 28.62 -9.44
N GLN A 29 -11.42 29.63 -9.02
CA GLN A 29 -10.21 29.42 -8.22
C GLN A 29 -10.41 29.07 -6.74
N THR A 30 -11.51 28.41 -6.40
CA THR A 30 -11.78 28.05 -5.01
C THR A 30 -11.60 26.55 -4.81
N ASP A 31 -12.08 26.06 -3.67
CA ASP A 31 -12.08 24.62 -3.40
C ASP A 31 -13.39 23.97 -3.82
N SER A 32 -14.48 24.71 -3.77
CA SER A 32 -15.79 24.11 -4.04
C SER A 32 -16.11 23.88 -5.51
N THR A 33 -17.08 23.00 -5.70
CA THR A 33 -17.65 22.75 -6.99
C THR A 33 -18.99 23.48 -6.95
N LEU A 34 -19.34 24.15 -8.05
CA LEU A 34 -20.54 25.00 -8.10
C LEU A 34 -21.75 24.17 -8.54
N THR A 35 -22.96 24.71 -8.37
CA THR A 35 -24.16 23.99 -8.83
C THR A 35 -24.18 23.77 -10.35
N ARG A 36 -25.03 22.86 -10.81
CA ARG A 36 -25.20 22.67 -12.25
C ARG A 36 -25.65 24.00 -12.86
N GLU A 37 -26.68 24.59 -12.26
CA GLU A 37 -27.20 25.87 -12.76
C GLU A 37 -26.09 26.87 -13.01
N GLU A 38 -25.31 27.16 -11.98
CA GLU A 38 -24.36 28.23 -12.08
C GLU A 38 -23.36 27.96 -13.22
N ILE A 39 -23.06 26.68 -13.46
CA ILE A 39 -22.16 26.29 -14.54
C ILE A 39 -22.75 26.44 -15.96
N LEU A 40 -23.99 25.96 -16.12
CA LEU A 40 -24.83 26.26 -17.30
C LEU A 40 -24.89 27.76 -17.61
N ARG A 41 -25.03 28.56 -16.56
CA ARG A 41 -25.16 30.01 -16.68
C ARG A 41 -23.89 30.56 -17.34
N ARG A 42 -22.74 30.20 -16.77
CA ARG A 42 -21.44 30.63 -17.27
C ARG A 42 -21.20 30.18 -18.70
N CYS A 43 -21.76 29.01 -19.05
CA CYS A 43 -21.46 28.40 -20.34
C CYS A 43 -22.32 28.88 -21.53
N ARG A 44 -23.47 29.49 -21.21
CA ARG A 44 -24.43 30.01 -22.20
C ARG A 44 -23.76 30.51 -23.50
N ASP A 45 -22.89 31.50 -23.41
CA ASP A 45 -22.18 31.97 -24.59
C ASP A 45 -20.69 31.76 -24.43
N ALA A 46 -20.36 30.63 -23.79
CA ALA A 46 -18.98 30.21 -23.65
C ALA A 46 -18.63 29.46 -24.90
N GLN A 47 -17.36 29.57 -25.30
CA GLN A 47 -16.90 28.97 -26.55
C GLN A 47 -15.98 27.75 -26.29
N ALA A 48 -15.60 27.60 -25.01
CA ALA A 48 -14.71 26.55 -24.50
C ALA A 48 -15.08 26.19 -23.05
N MET A 49 -14.80 24.96 -22.67
CA MET A 49 -15.06 24.50 -21.32
C MET A 49 -13.94 23.58 -20.87
N MET A 50 -13.37 23.87 -19.70
CA MET A 50 -12.52 22.91 -19.03
C MET A 50 -13.36 22.19 -17.99
N ALA A 51 -13.57 20.91 -18.23
CA ALA A 51 -14.45 20.10 -17.36
C ALA A 51 -13.71 19.06 -16.50
N PHE A 52 -14.13 18.92 -15.24
CA PHE A 52 -13.47 18.00 -14.31
C PHE A 52 -14.50 16.96 -13.89
N MET A 53 -14.08 15.98 -13.08
CA MET A 53 -14.93 14.86 -12.63
C MET A 53 -16.40 15.15 -12.30
N PRO A 54 -16.71 16.27 -11.60
CA PRO A 54 -18.12 16.37 -11.20
C PRO A 54 -19.08 16.87 -12.31
N ASP A 55 -18.50 17.31 -13.42
CA ASP A 55 -19.28 17.81 -14.54
C ASP A 55 -19.95 16.68 -15.31
N ARG A 56 -21.16 16.95 -15.82
CA ARG A 56 -21.83 16.06 -16.75
C ARG A 56 -22.40 16.89 -17.90
N VAL A 57 -22.05 16.49 -19.12
CA VAL A 57 -22.55 17.20 -20.28
C VAL A 57 -23.45 16.31 -21.13
N ASP A 58 -24.73 16.66 -21.17
CA ASP A 58 -25.68 15.97 -22.05
C ASP A 58 -26.26 16.92 -23.09
N ALA A 59 -27.25 16.44 -23.83
CA ALA A 59 -27.78 17.19 -24.95
C ALA A 59 -28.46 18.46 -24.46
N ASP A 60 -29.33 18.35 -23.46
CA ASP A 60 -29.91 19.54 -22.77
C ASP A 60 -28.86 20.60 -22.41
N PHE A 61 -27.73 20.18 -21.84
CA PHE A 61 -26.62 21.09 -21.57
C PHE A 61 -26.18 21.75 -22.88
N LEU A 62 -25.53 20.97 -23.76
CA LEU A 62 -25.03 21.48 -25.05
C LEU A 62 -26.04 22.36 -25.79
N GLN A 63 -27.31 21.98 -25.71
CA GLN A 63 -28.41 22.74 -26.30
C GLN A 63 -28.40 24.22 -25.86
N ALA A 64 -28.25 24.45 -24.55
CA ALA A 64 -28.21 25.80 -23.97
C ALA A 64 -26.84 26.53 -24.09
N CYS A 65 -25.87 25.88 -24.70
CA CYS A 65 -24.60 26.53 -25.00
C CYS A 65 -24.26 26.39 -26.50
N PRO A 66 -24.94 27.19 -27.33
CA PRO A 66 -24.90 27.13 -28.78
C PRO A 66 -23.56 27.54 -29.36
N GLU A 67 -22.78 28.31 -28.61
CA GLU A 67 -21.46 28.77 -29.08
C GLU A 67 -20.25 27.92 -28.71
N LEU A 68 -20.45 26.82 -27.98
CA LEU A 68 -19.33 25.92 -27.60
C LEU A 68 -18.59 25.26 -28.75
N ARG A 69 -17.26 25.26 -28.70
CA ARG A 69 -16.48 24.62 -29.76
C ARG A 69 -15.63 23.46 -29.26
N VAL A 70 -15.31 23.48 -27.99
CA VAL A 70 -14.51 22.43 -27.38
C VAL A 70 -14.87 22.27 -25.89
N ILE A 71 -15.04 21.03 -25.47
CA ILE A 71 -15.01 20.72 -24.06
C ILE A 71 -13.75 19.89 -23.85
N GLY A 72 -12.78 20.49 -23.16
CA GLY A 72 -11.54 19.81 -22.72
C GLY A 72 -11.65 19.23 -21.32
N CYS A 73 -11.67 17.89 -21.24
CA CYS A 73 -11.81 17.16 -19.98
C CYS A 73 -10.46 16.87 -19.32
N ALA A 74 -10.28 17.34 -18.08
CA ALA A 74 -9.09 17.01 -17.30
C ALA A 74 -9.26 15.64 -16.63
N LEU A 75 -9.38 14.60 -17.47
CA LEU A 75 -9.67 13.26 -17.03
C LEU A 75 -9.60 12.25 -18.19
N LYS A 76 -9.68 10.95 -17.87
CA LYS A 76 -9.57 9.84 -18.83
C LYS A 76 -10.94 9.24 -19.23
N GLY A 77 -11.72 8.80 -18.25
CA GLY A 77 -13.09 8.34 -18.46
C GLY A 77 -14.12 9.45 -18.67
N PHE A 78 -14.56 9.60 -19.91
CA PHE A 78 -15.45 10.66 -20.28
C PHE A 78 -16.90 10.22 -20.12
N ASP A 79 -17.14 9.15 -19.35
CA ASP A 79 -18.47 8.53 -19.28
C ASP A 79 -19.70 9.44 -18.98
N ASN A 80 -19.49 10.58 -18.34
CA ASN A 80 -20.57 11.54 -18.07
C ASN A 80 -20.69 12.64 -19.10
N PHE A 81 -20.07 12.44 -20.24
CA PHE A 81 -20.14 13.42 -21.30
C PHE A 81 -20.64 12.68 -22.49
N ASP A 82 -21.79 13.09 -22.99
CA ASP A 82 -22.38 12.43 -24.11
C ASP A 82 -21.60 12.77 -25.39
N VAL A 83 -20.66 11.89 -25.76
CA VAL A 83 -19.73 12.08 -26.89
C VAL A 83 -20.48 12.41 -28.16
N ASP A 84 -21.53 11.61 -28.43
CA ASP A 84 -22.31 11.67 -29.66
C ASP A 84 -23.00 13.01 -29.75
N ALA A 85 -23.73 13.35 -28.69
CA ALA A 85 -24.37 14.64 -28.63
C ALA A 85 -23.34 15.76 -28.90
N CYS A 86 -22.12 15.63 -28.37
CA CYS A 86 -21.03 16.56 -28.73
C CYS A 86 -20.77 16.57 -30.24
N THR A 87 -20.53 15.40 -30.81
CA THR A 87 -20.23 15.33 -32.21
C THR A 87 -21.38 15.92 -33.03
N ALA A 88 -22.62 15.61 -32.65
CA ALA A 88 -23.83 16.15 -33.31
C ALA A 88 -23.87 17.69 -33.39
N ARG A 89 -23.43 18.34 -32.31
CA ARG A 89 -23.53 19.79 -32.21
C ARG A 89 -22.23 20.45 -32.65
N GLY A 90 -21.36 19.69 -33.27
CA GLY A 90 -20.02 20.16 -33.62
C GLY A 90 -19.11 20.54 -32.46
N VAL A 91 -19.26 19.91 -31.29
CA VAL A 91 -18.33 20.20 -30.21
C VAL A 91 -17.20 19.15 -30.10
N TRP A 92 -15.96 19.64 -30.04
CA TRP A 92 -14.82 18.76 -29.82
C TRP A 92 -14.86 18.27 -28.38
N LEU A 93 -14.60 16.98 -28.16
CA LEU A 93 -14.44 16.46 -26.80
C LEU A 93 -13.05 15.81 -26.57
N THR A 94 -12.31 16.35 -25.62
CA THR A 94 -10.94 15.90 -25.39
C THR A 94 -10.70 15.31 -23.98
N PHE A 95 -9.77 14.36 -23.91
CA PHE A 95 -9.40 13.75 -22.64
C PHE A 95 -7.90 13.81 -22.40
N VAL A 96 -7.46 13.18 -21.32
CA VAL A 96 -6.06 13.13 -20.91
C VAL A 96 -5.73 11.63 -20.86
N PRO A 97 -5.08 11.12 -21.91
CA PRO A 97 -5.02 9.68 -22.02
C PRO A 97 -4.04 8.96 -21.11
N ASP A 98 -3.01 9.65 -20.59
CA ASP A 98 -1.92 8.96 -19.87
C ASP A 98 -1.62 9.50 -18.48
N LEU A 99 -1.79 10.79 -18.27
CA LEU A 99 -1.24 11.34 -17.05
C LEU A 99 -1.89 10.79 -15.73
N LEU A 100 -3.12 10.30 -15.81
CA LEU A 100 -3.83 9.78 -14.64
C LEU A 100 -3.47 8.33 -14.32
N THR A 101 -2.88 7.65 -15.28
CA THR A 101 -2.60 6.23 -15.13
C THR A 101 -1.84 5.90 -13.88
N VAL A 102 -0.67 6.51 -13.72
CA VAL A 102 0.27 6.04 -12.73
C VAL A 102 -0.15 6.29 -11.27
N PRO A 103 -0.47 7.54 -10.91
CA PRO A 103 -0.91 7.72 -9.51
C PRO A 103 -2.07 6.78 -9.15
N THR A 104 -2.90 6.48 -10.15
CA THR A 104 -4.05 5.57 -9.97
C THR A 104 -3.59 4.12 -9.81
N ALA A 105 -2.63 3.73 -10.64
CA ALA A 105 -2.08 2.38 -10.51
C ALA A 105 -1.44 2.22 -9.13
N GLU A 106 -0.66 3.23 -8.71
CA GLU A 106 0.02 3.22 -7.41
C GLU A 106 -0.99 3.04 -6.30
N LEU A 107 -2.09 3.80 -6.38
CA LEU A 107 -3.15 3.70 -5.39
C LEU A 107 -3.80 2.33 -5.38
N ALA A 108 -4.16 1.83 -6.56
CA ALA A 108 -4.82 0.50 -6.66
C ALA A 108 -3.96 -0.56 -6.00
N ILE A 109 -2.66 -0.41 -6.12
CA ILE A 109 -1.83 -1.43 -5.58
C ILE A 109 -1.78 -1.28 -4.08
N GLY A 110 -1.70 -0.05 -3.59
CA GLY A 110 -1.74 0.22 -2.13
C GLY A 110 -3.04 -0.27 -1.49
N LEU A 111 -4.15 -0.15 -2.22
CA LEU A 111 -5.45 -0.64 -1.78
C LEU A 111 -5.45 -2.13 -1.67
N ALA A 112 -4.79 -2.79 -2.60
CA ALA A 112 -4.74 -4.25 -2.62
C ALA A 112 -4.08 -4.77 -1.33
N VAL A 113 -2.96 -4.14 -1.02
CA VAL A 113 -2.11 -4.46 0.10
C VAL A 113 -2.83 -4.05 1.37
N GLY A 114 -3.38 -2.84 1.37
CA GLY A 114 -4.09 -2.32 2.51
C GLY A 114 -5.23 -3.25 2.90
N LEU A 115 -5.93 -3.73 1.87
CA LEU A 115 -7.08 -4.57 2.10
C LEU A 115 -6.63 -5.95 2.51
N GLY A 116 -5.67 -6.52 1.79
CA GLY A 116 -5.18 -7.84 2.12
C GLY A 116 -4.61 -7.90 3.52
N ARG A 117 -4.11 -6.78 4.03
CA ARG A 117 -3.51 -6.83 5.33
C ARG A 117 -4.31 -6.15 6.46
N HIS A 118 -5.59 -5.86 6.23
CA HIS A 118 -6.48 -5.27 7.28
C HIS A 118 -5.90 -4.01 7.90
N LEU A 119 -5.46 -3.11 7.03
CA LEU A 119 -4.74 -1.94 7.43
C LEU A 119 -5.57 -0.99 8.28
N ARG A 120 -6.88 -0.88 7.98
CA ARG A 120 -7.76 -0.03 8.78
C ARG A 120 -7.86 -0.49 10.23
N ALA A 121 -8.21 -1.76 10.42
CA ALA A 121 -8.41 -2.29 11.75
C ALA A 121 -7.09 -2.31 12.46
N ALA A 122 -6.03 -2.64 11.73
CA ALA A 122 -4.70 -2.70 12.34
C ALA A 122 -4.31 -1.32 12.86
N ASP A 123 -4.46 -0.31 12.00
CA ASP A 123 -4.19 1.07 12.40
C ASP A 123 -5.04 1.57 13.58
N ALA A 124 -6.35 1.30 13.52
CA ALA A 124 -7.29 1.65 14.61
C ALA A 124 -6.92 1.01 15.94
N PHE A 125 -6.51 -0.26 15.86
CA PHE A 125 -6.11 -0.96 17.05
C PHE A 125 -4.86 -0.35 17.66
N VAL A 126 -3.89 0.04 16.82
CA VAL A 126 -2.66 0.63 17.37
C VAL A 126 -2.99 1.96 18.00
N ARG A 127 -3.87 2.73 17.35
CA ARG A 127 -4.20 4.11 17.76
C ARG A 127 -4.99 4.16 19.07
N SER A 128 -5.81 3.14 19.31
CA SER A 128 -6.68 3.06 20.49
C SER A 128 -5.85 2.85 21.73
N GLY A 129 -4.54 2.94 21.58
CA GLY A 129 -3.57 2.72 22.67
C GLY A 129 -3.60 1.34 23.29
N LYS A 130 -4.33 0.40 22.69
CA LYS A 130 -4.44 -0.93 23.28
C LYS A 130 -3.32 -1.85 22.86
N PHE A 131 -2.40 -1.38 22.01
CA PHE A 131 -1.34 -2.27 21.51
C PHE A 131 -0.18 -2.26 22.46
N ARG A 132 0.13 -3.44 22.97
CA ARG A 132 1.15 -3.54 23.98
C ARG A 132 2.26 -4.56 23.70
N GLY A 133 2.22 -5.25 22.55
CA GLY A 133 3.31 -6.16 22.12
C GLY A 133 2.88 -7.36 21.31
N TRP A 134 3.80 -7.96 20.53
CA TRP A 134 3.51 -9.05 19.52
C TRP A 134 2.51 -10.17 19.91
N GLN A 135 1.50 -10.35 19.05
CA GLN A 135 0.39 -11.29 19.27
C GLN A 135 -0.04 -12.00 17.95
N PRO A 136 -0.27 -13.34 18.01
CA PRO A 136 -0.69 -14.16 16.85
C PRO A 136 -2.15 -13.98 16.38
N ARG A 137 -2.45 -12.80 15.83
CA ARG A 137 -3.77 -12.44 15.27
C ARG A 137 -3.57 -11.34 14.21
N PHE A 138 -4.64 -10.96 13.50
CA PHE A 138 -4.59 -10.08 12.30
C PHE A 138 -4.03 -10.76 11.05
N TYR A 139 -3.93 -12.08 11.08
CA TYR A 139 -3.48 -12.83 9.91
C TYR A 139 -4.03 -12.24 8.61
N GLY A 140 -3.15 -12.07 7.64
CA GLY A 140 -3.51 -11.39 6.42
C GLY A 140 -3.14 -12.17 5.19
N THR A 141 -3.38 -11.54 4.05
CA THR A 141 -3.15 -12.14 2.74
C THR A 141 -2.22 -11.23 1.89
N GLY A 142 -1.07 -11.78 1.48
CA GLY A 142 -0.14 -11.00 0.72
C GLY A 142 -0.19 -11.41 -0.72
N LEU A 143 0.64 -10.78 -1.53
CA LEU A 143 0.60 -11.00 -2.96
C LEU A 143 1.50 -12.15 -3.40
N ASP A 144 2.56 -12.41 -2.65
CA ASP A 144 3.46 -13.51 -2.98
C ASP A 144 2.71 -14.82 -3.07
N ASN A 145 2.88 -15.51 -4.18
CA ASN A 145 2.12 -16.73 -4.54
C ASN A 145 0.64 -16.61 -4.81
N ALA A 146 0.10 -15.41 -4.65
CA ALA A 146 -1.28 -15.21 -4.96
C ALA A 146 -1.40 -15.14 -6.46
N THR A 147 -2.57 -15.53 -6.95
CA THR A 147 -2.97 -15.26 -8.31
C THR A 147 -3.70 -13.93 -8.33
N VAL A 148 -3.25 -13.04 -9.19
CA VAL A 148 -3.84 -11.73 -9.35
C VAL A 148 -4.44 -11.65 -10.75
N GLY A 149 -5.70 -11.23 -10.80
CA GLY A 149 -6.40 -11.09 -12.08
C GLY A 149 -6.81 -9.66 -12.37
N PHE A 150 -6.75 -9.28 -13.63
CA PHE A 150 -7.15 -7.93 -14.05
C PHE A 150 -8.33 -8.03 -14.97
N LEU A 151 -9.30 -7.17 -14.74
CA LEU A 151 -10.39 -7.06 -15.67
C LEU A 151 -10.13 -5.77 -16.39
N GLY A 152 -9.66 -5.90 -17.62
CA GLY A 152 -9.14 -4.74 -18.34
C GLY A 152 -7.63 -4.83 -18.36
N MET A 153 -7.03 -4.44 -19.48
CA MET A 153 -5.59 -4.45 -19.58
C MET A 153 -5.16 -3.34 -20.53
N GLY A 154 -5.69 -2.13 -20.30
CA GLY A 154 -5.26 -0.92 -21.00
C GLY A 154 -4.19 -0.22 -20.19
N ALA A 155 -4.17 1.10 -20.26
CA ALA A 155 -3.18 1.88 -19.56
C ALA A 155 -3.02 1.47 -18.08
N ILE A 156 -4.09 1.58 -17.33
CA ILE A 156 -4.02 1.29 -15.89
C ILE A 156 -3.73 -0.18 -15.62
N GLY A 157 -4.39 -1.06 -16.35
CA GLY A 157 -4.03 -2.47 -16.30
C GLY A 157 -2.52 -2.76 -16.47
N LEU A 158 -1.85 -2.12 -17.42
CA LEU A 158 -0.44 -2.46 -17.65
C LEU A 158 0.46 -1.79 -16.60
N ALA A 159 0.09 -0.59 -16.16
CA ALA A 159 0.87 0.07 -15.13
C ALA A 159 0.85 -0.72 -13.83
N MET A 160 -0.30 -1.32 -13.53
CA MET A 160 -0.41 -2.20 -12.38
C MET A 160 0.46 -3.47 -12.56
N ALA A 161 0.36 -4.11 -13.73
CA ALA A 161 1.15 -5.32 -14.01
C ALA A 161 2.64 -5.05 -13.92
N ASP A 162 3.07 -3.94 -14.53
CA ASP A 162 4.42 -3.45 -14.43
C ASP A 162 4.88 -3.37 -12.97
N ARG A 163 4.09 -2.71 -12.13
CA ARG A 163 4.48 -2.51 -10.74
C ARG A 163 4.39 -3.78 -9.91
N LEU A 164 3.73 -4.80 -10.44
CA LEU A 164 3.61 -6.03 -9.70
C LEU A 164 4.64 -7.06 -10.17
N GLN A 165 5.52 -6.64 -11.07
CA GLN A 165 6.53 -7.54 -11.65
C GLN A 165 7.40 -8.25 -10.63
N GLY A 166 7.94 -7.52 -9.65
CA GLY A 166 8.85 -8.18 -8.71
C GLY A 166 8.19 -8.89 -7.53
N TRP A 167 6.85 -9.01 -7.54
CA TRP A 167 6.07 -9.41 -6.34
C TRP A 167 5.68 -10.90 -6.17
N GLY A 168 6.13 -11.76 -7.08
CA GLY A 168 5.93 -13.21 -6.92
C GLY A 168 4.52 -13.75 -7.12
N ALA A 169 3.70 -13.01 -7.87
CA ALA A 169 2.32 -13.40 -8.11
C ALA A 169 2.20 -14.01 -9.48
N THR A 170 1.19 -14.87 -9.66
CA THR A 170 0.72 -15.27 -10.98
C THR A 170 -0.25 -14.20 -11.52
N LEU A 171 0.12 -13.58 -12.62
CA LEU A 171 -0.70 -12.54 -13.20
C LEU A 171 -1.53 -13.14 -14.31
N GLN A 172 -2.83 -12.84 -14.32
CA GLN A 172 -3.70 -13.29 -15.43
C GLN A 172 -4.71 -12.20 -15.69
N TYR A 173 -5.40 -12.23 -16.83
CA TYR A 173 -6.28 -11.09 -17.19
C TYR A 173 -7.39 -11.45 -18.15
N HIS A 174 -8.46 -10.64 -18.12
CA HIS A 174 -9.49 -10.65 -19.13
C HIS A 174 -9.68 -9.25 -19.67
N GLU A 175 -9.85 -9.13 -20.98
CA GLU A 175 -10.04 -7.84 -21.64
C GLU A 175 -10.83 -8.04 -22.93
N ALA A 176 -11.40 -6.96 -23.47
CA ALA A 176 -12.05 -7.00 -24.79
C ALA A 176 -11.01 -7.25 -25.89
N LYS A 177 -10.01 -6.37 -25.97
CA LYS A 177 -8.87 -6.53 -26.89
C LYS A 177 -7.76 -7.33 -26.22
N ALA A 178 -7.36 -8.46 -26.80
CA ALA A 178 -6.17 -9.18 -26.32
C ALA A 178 -4.91 -8.29 -26.32
N LEU A 179 -3.97 -8.60 -25.44
CA LEU A 179 -2.66 -7.99 -25.54
C LEU A 179 -1.91 -8.73 -26.64
N ASP A 180 -0.94 -8.07 -27.28
CA ASP A 180 -0.09 -8.80 -28.19
C ASP A 180 0.71 -9.83 -27.39
N THR A 181 1.16 -10.86 -28.09
CA THR A 181 1.76 -12.01 -27.48
C THR A 181 3.13 -11.68 -26.85
N GLN A 182 3.89 -10.75 -27.44
CA GLN A 182 5.16 -10.27 -26.87
C GLN A 182 4.99 -9.64 -25.48
N THR A 183 4.01 -8.75 -25.37
CA THR A 183 3.71 -8.05 -24.13
C THR A 183 3.28 -9.05 -23.04
N GLU A 184 2.43 -10.00 -23.40
CA GLU A 184 1.98 -11.02 -22.46
C GLU A 184 3.18 -11.75 -21.85
N GLN A 185 4.00 -12.25 -22.76
CA GLN A 185 5.23 -12.91 -22.45
C GLN A 185 6.15 -12.08 -21.54
N ARG A 186 6.25 -10.78 -21.82
CA ARG A 186 7.15 -9.89 -21.08
C ARG A 186 6.71 -9.73 -19.66
N LEU A 187 5.42 -9.54 -19.47
CA LEU A 187 4.86 -9.17 -18.20
C LEU A 187 4.36 -10.38 -17.44
N GLY A 188 4.52 -11.56 -18.05
CA GLY A 188 4.13 -12.83 -17.45
C GLY A 188 2.63 -12.96 -17.33
N LEU A 189 1.91 -12.42 -18.32
CA LEU A 189 0.46 -12.29 -18.24
C LEU A 189 -0.32 -13.30 -19.07
N ARG A 190 -1.28 -13.98 -18.45
CA ARG A 190 -2.04 -15.00 -19.15
C ARG A 190 -3.48 -14.58 -19.43
N GLN A 191 -3.89 -14.71 -20.69
CA GLN A 191 -5.23 -14.32 -21.09
C GLN A 191 -6.18 -15.44 -20.68
N VAL A 192 -7.14 -15.14 -19.80
CA VAL A 192 -8.18 -16.07 -19.43
C VAL A 192 -9.57 -15.56 -19.74
N ALA A 193 -10.55 -16.46 -19.75
CA ALA A 193 -11.94 -16.06 -19.89
C ALA A 193 -12.38 -15.36 -18.63
N CYS A 194 -13.29 -14.40 -18.79
CA CYS A 194 -13.81 -13.63 -17.68
C CYS A 194 -14.25 -14.46 -16.47
N SER A 195 -14.93 -15.58 -16.69
CA SER A 195 -15.39 -16.37 -15.55
C SER A 195 -14.24 -17.14 -14.87
N GLU A 196 -13.24 -17.55 -15.65
CA GLU A 196 -12.07 -18.19 -15.06
C GLU A 196 -11.36 -17.13 -14.22
N LEU A 197 -11.32 -15.92 -14.76
CA LEU A 197 -10.73 -14.80 -14.03
C LEU A 197 -11.34 -14.70 -12.64
N PHE A 198 -12.67 -14.69 -12.55
CA PHE A 198 -13.32 -14.60 -11.26
C PHE A 198 -13.23 -15.85 -10.42
N ALA A 199 -13.13 -17.01 -11.07
CA ALA A 199 -13.07 -18.28 -10.37
C ALA A 199 -11.73 -18.53 -9.69
N SER A 200 -10.66 -18.00 -10.27
CA SER A 200 -9.31 -18.43 -9.88
C SER A 200 -8.35 -17.36 -9.39
N SER A 201 -8.85 -16.15 -9.17
CA SER A 201 -7.99 -15.05 -8.77
C SER A 201 -8.09 -14.88 -7.27
N ASP A 202 -6.98 -14.59 -6.61
CA ASP A 202 -7.00 -14.26 -5.19
C ASP A 202 -7.19 -12.75 -5.02
N PHE A 203 -6.76 -11.99 -6.03
CA PHE A 203 -6.93 -10.53 -6.05
C PHE A 203 -7.52 -10.19 -7.40
N ILE A 204 -8.62 -9.45 -7.38
CA ILE A 204 -9.21 -8.97 -8.62
C ILE A 204 -9.12 -7.45 -8.76
N LEU A 205 -8.35 -7.01 -9.75
CA LEU A 205 -8.13 -5.57 -9.93
C LEU A 205 -8.88 -5.10 -11.12
N LEU A 206 -9.68 -4.05 -10.93
CA LEU A 206 -10.53 -3.57 -11.99
C LEU A 206 -9.81 -2.50 -12.77
N ALA A 207 -9.87 -2.57 -14.10
CA ALA A 207 -9.17 -1.62 -14.98
C ALA A 207 -9.92 -1.32 -16.30
N LEU A 208 -11.23 -1.10 -16.21
CA LEU A 208 -12.02 -0.90 -17.42
C LEU A 208 -12.91 0.33 -17.30
N PRO A 209 -13.32 0.93 -18.43
CA PRO A 209 -14.13 2.15 -18.43
C PRO A 209 -15.56 1.86 -18.06
N LEU A 210 -16.29 2.90 -17.68
CA LEU A 210 -17.72 2.73 -17.54
C LEU A 210 -18.37 3.12 -18.85
N ASN A 211 -19.19 2.23 -19.39
CA ASN A 211 -20.02 2.50 -20.58
C ASN A 211 -21.16 1.48 -20.60
N ALA A 212 -22.05 1.57 -21.60
CA ALA A 212 -23.25 0.70 -21.68
C ALA A 212 -22.99 -0.78 -21.34
N ASP A 213 -21.87 -1.29 -21.86
CA ASP A 213 -21.53 -2.71 -21.70
C ASP A 213 -20.86 -3.12 -20.41
N THR A 214 -20.16 -2.19 -19.78
CA THR A 214 -19.54 -2.48 -18.49
C THR A 214 -20.47 -2.17 -17.30
N LEU A 215 -21.48 -1.33 -17.52
CA LEU A 215 -22.44 -1.01 -16.45
C LEU A 215 -22.85 -2.28 -15.69
N HIS A 216 -22.45 -2.36 -14.44
CA HIS A 216 -22.82 -3.48 -13.60
C HIS A 216 -22.29 -4.84 -14.10
N LEU A 217 -21.19 -4.85 -14.85
CA LEU A 217 -20.59 -6.11 -15.31
C LEU A 217 -20.22 -7.01 -14.11
N VAL A 218 -19.73 -6.41 -13.03
CA VAL A 218 -19.31 -7.17 -11.89
C VAL A 218 -20.51 -7.24 -10.96
N ASN A 219 -21.30 -8.30 -11.17
CA ASN A 219 -22.62 -8.52 -10.52
C ASN A 219 -22.67 -9.80 -9.69
N ALA A 220 -23.84 -10.11 -9.16
CA ALA A 220 -23.96 -11.29 -8.32
C ALA A 220 -23.52 -12.55 -9.09
N GLU A 221 -23.81 -12.58 -10.39
CA GLU A 221 -23.45 -13.72 -11.21
C GLU A 221 -21.94 -13.96 -11.09
N LEU A 222 -21.14 -12.95 -11.39
CA LEU A 222 -19.68 -13.11 -11.34
C LEU A 222 -19.17 -13.31 -9.92
N LEU A 223 -19.67 -12.51 -8.97
CA LEU A 223 -19.20 -12.62 -7.58
C LEU A 223 -19.43 -14.01 -7.00
N ALA A 224 -20.45 -14.70 -7.52
CA ALA A 224 -20.81 -16.04 -7.07
C ALA A 224 -19.66 -16.99 -7.32
N LEU A 225 -18.90 -16.75 -8.40
CA LEU A 225 -17.79 -17.65 -8.76
C LEU A 225 -16.47 -17.56 -7.94
N VAL A 226 -16.38 -16.64 -6.97
CA VAL A 226 -15.07 -16.32 -6.39
C VAL A 226 -14.69 -17.24 -5.25
N ARG A 227 -13.39 -17.50 -5.11
CA ARG A 227 -12.87 -18.30 -4.02
C ARG A 227 -13.25 -17.58 -2.76
N PRO A 228 -13.72 -18.33 -1.76
CA PRO A 228 -14.00 -17.67 -0.49
C PRO A 228 -12.74 -16.95 -0.05
N GLY A 229 -12.87 -15.68 0.29
CA GLY A 229 -11.75 -14.86 0.76
C GLY A 229 -11.14 -13.94 -0.29
N ALA A 230 -11.53 -14.13 -1.54
CA ALA A 230 -11.00 -13.36 -2.66
C ALA A 230 -11.13 -11.87 -2.43
N LEU A 231 -10.16 -11.11 -2.96
CA LEU A 231 -10.03 -9.68 -2.68
C LEU A 231 -10.25 -8.81 -3.93
N LEU A 232 -11.21 -7.89 -3.84
CA LEU A 232 -11.61 -7.09 -4.97
C LEU A 232 -11.28 -5.58 -4.84
N VAL A 233 -10.63 -5.01 -5.85
CA VAL A 233 -10.21 -3.63 -5.81
C VAL A 233 -10.74 -2.84 -7.01
N ASN A 234 -11.38 -1.71 -6.76
CA ASN A 234 -11.98 -0.88 -7.82
C ASN A 234 -11.40 0.53 -7.94
N PRO A 235 -10.38 0.70 -8.79
CA PRO A 235 -9.80 2.00 -8.99
C PRO A 235 -10.41 2.80 -10.14
N CYS A 236 -11.51 2.33 -10.71
CA CYS A 236 -11.94 2.93 -11.98
C CYS A 236 -13.29 3.64 -12.02
N ARG A 237 -14.40 2.91 -12.06
CA ARG A 237 -15.71 3.54 -11.95
C ARG A 237 -16.59 2.76 -11.03
N GLY A 238 -17.30 3.47 -10.15
CA GLY A 238 -18.22 2.84 -9.24
C GLY A 238 -19.12 1.84 -9.95
N SER A 239 -19.71 2.25 -11.06
CA SER A 239 -20.83 1.48 -11.64
C SER A 239 -20.44 0.29 -12.51
N VAL A 240 -19.16 -0.06 -12.57
CA VAL A 240 -18.81 -1.32 -13.21
C VAL A 240 -19.09 -2.45 -12.25
N VAL A 241 -19.15 -2.13 -10.95
CA VAL A 241 -19.61 -3.10 -9.96
C VAL A 241 -21.03 -2.80 -9.53
N ASP A 242 -21.75 -3.83 -9.09
CA ASP A 242 -23.01 -3.67 -8.39
C ASP A 242 -22.76 -3.58 -6.88
N GLU A 243 -22.75 -2.39 -6.34
CA GLU A 243 -22.42 -2.25 -4.92
C GLU A 243 -23.22 -3.18 -3.97
N ALA A 244 -24.51 -3.38 -4.30
CA ALA A 244 -25.34 -4.24 -3.47
C ALA A 244 -24.86 -5.69 -3.54
N ALA A 245 -24.50 -6.14 -4.74
CA ALA A 245 -24.00 -7.50 -4.89
C ALA A 245 -22.66 -7.63 -4.17
N VAL A 246 -21.86 -6.55 -4.20
CA VAL A 246 -20.60 -6.55 -3.45
C VAL A 246 -20.89 -6.64 -1.95
N LEU A 247 -21.81 -5.81 -1.47
CA LEU A 247 -22.20 -5.89 -0.07
C LEU A 247 -22.74 -7.30 0.35
N ALA A 248 -23.63 -7.88 -0.45
CA ALA A 248 -24.13 -9.23 -0.17
C ALA A 248 -23.00 -10.25 -0.16
N ALA A 249 -22.04 -10.10 -1.08
CA ALA A 249 -20.88 -10.99 -1.18
C ALA A 249 -19.94 -10.91 0.02
N LEU A 250 -19.84 -9.75 0.65
CA LEU A 250 -19.03 -9.60 1.85
C LEU A 250 -19.78 -10.20 3.01
N GLU A 251 -21.06 -9.88 3.10
CA GLU A 251 -21.85 -10.33 4.22
C GLU A 251 -21.92 -11.83 4.38
N ARG A 252 -22.11 -12.53 3.27
CA ARG A 252 -22.08 -13.99 3.28
C ARG A 252 -20.62 -14.51 3.56
N GLY A 253 -19.65 -13.60 3.56
CA GLY A 253 -18.24 -13.96 3.74
C GLY A 253 -17.56 -14.62 2.53
N GLN A 254 -18.20 -14.63 1.36
CA GLN A 254 -17.55 -15.25 0.19
C GLN A 254 -16.41 -14.40 -0.37
N LEU A 255 -16.70 -13.13 -0.59
CA LEU A 255 -15.71 -12.14 -0.99
C LEU A 255 -14.98 -11.60 0.27
N GLY A 256 -13.66 -11.71 0.28
CA GLY A 256 -12.85 -11.39 1.45
C GLY A 256 -12.70 -9.92 1.78
N GLY A 257 -12.91 -9.04 0.80
CA GLY A 257 -12.73 -7.58 0.99
C GLY A 257 -13.07 -6.82 -0.29
N TYR A 258 -13.39 -5.54 -0.15
CA TYR A 258 -13.63 -4.67 -1.29
C TYR A 258 -13.05 -3.30 -0.96
N ALA A 259 -12.06 -2.90 -1.75
CA ALA A 259 -11.45 -1.60 -1.64
C ALA A 259 -11.85 -0.89 -2.88
N ALA A 260 -12.08 0.42 -2.79
CA ALA A 260 -12.52 1.23 -3.94
C ALA A 260 -12.22 2.72 -3.77
N ASP A 261 -11.96 3.38 -4.89
CA ASP A 261 -11.61 4.79 -4.93
C ASP A 261 -12.71 5.51 -5.66
N VAL A 262 -13.75 4.76 -6.05
CA VAL A 262 -14.85 5.29 -6.88
C VAL A 262 -16.18 4.67 -6.50
N PHE A 263 -17.27 5.41 -6.78
CA PHE A 263 -18.59 5.02 -6.28
C PHE A 263 -19.73 5.24 -7.26
N GLU A 264 -20.75 4.38 -7.15
CA GLU A 264 -21.85 4.43 -8.06
C GLU A 264 -22.52 5.79 -7.98
N MET A 265 -22.50 6.41 -6.79
CA MET A 265 -23.05 7.75 -6.65
C MET A 265 -22.36 8.82 -7.49
N GLU A 266 -21.16 8.56 -8.02
CA GLU A 266 -20.44 9.59 -8.83
C GLU A 266 -20.88 9.61 -10.28
N ASP A 267 -21.65 8.61 -10.67
CA ASP A 267 -21.89 8.36 -12.07
C ASP A 267 -23.19 9.03 -12.53
N TRP A 268 -23.06 10.33 -12.80
CA TRP A 268 -24.17 11.24 -13.15
C TRP A 268 -24.95 10.79 -14.36
N ALA A 269 -24.27 10.34 -15.40
CA ALA A 269 -24.95 9.91 -16.62
C ALA A 269 -25.97 8.80 -16.44
N ARG A 270 -26.06 8.21 -15.23
CA ARG A 270 -27.07 7.16 -14.94
C ARG A 270 -28.33 7.70 -14.30
N ALA A 271 -29.46 7.34 -14.91
CA ALA A 271 -30.76 7.83 -14.49
C ALA A 271 -31.03 7.36 -13.07
N ASP A 272 -30.70 6.11 -12.75
CA ASP A 272 -30.96 5.55 -11.41
C ASP A 272 -29.74 5.50 -10.43
N ARG A 273 -28.73 6.33 -10.71
CA ARG A 273 -27.63 6.60 -9.77
C ARG A 273 -28.04 6.66 -8.29
N PRO A 274 -27.42 5.80 -7.44
CA PRO A 274 -27.58 5.89 -5.98
C PRO A 274 -27.14 7.26 -5.51
N GLN A 275 -27.81 7.77 -4.49
CA GLN A 275 -27.58 9.13 -4.00
C GLN A 275 -26.42 9.16 -3.03
N GLN A 276 -26.16 8.01 -2.43
CA GLN A 276 -25.09 7.83 -1.45
C GLN A 276 -24.53 6.41 -1.58
N ILE A 277 -23.47 6.13 -0.82
CA ILE A 277 -22.97 4.78 -0.69
C ILE A 277 -23.74 4.13 0.46
N ASP A 278 -24.16 2.88 0.28
CA ASP A 278 -24.98 2.22 1.26
C ASP A 278 -24.21 2.21 2.60
N PRO A 279 -24.78 2.84 3.64
CA PRO A 279 -24.15 2.85 4.98
C PRO A 279 -23.74 1.46 5.48
N ALA A 280 -24.43 0.41 5.03
CA ALA A 280 -24.04 -0.95 5.45
C ALA A 280 -22.68 -1.32 4.82
N LEU A 281 -22.40 -0.78 3.63
CA LEU A 281 -21.10 -0.94 3.00
C LEU A 281 -20.00 -0.18 3.74
N LEU A 282 -20.19 1.11 4.01
CA LEU A 282 -19.27 1.86 4.88
C LEU A 282 -19.01 1.18 6.22
N ALA A 283 -20.03 0.53 6.75
CA ALA A 283 -19.89 -0.14 8.05
C ALA A 283 -19.20 -1.48 7.96
N HIS A 284 -19.15 -2.10 6.78
CA HIS A 284 -18.48 -3.41 6.69
C HIS A 284 -16.95 -3.31 6.93
N PRO A 285 -16.43 -4.10 7.87
CA PRO A 285 -15.02 -4.04 8.26
C PRO A 285 -14.05 -4.58 7.21
N ASN A 286 -14.54 -5.32 6.22
CA ASN A 286 -13.65 -5.89 5.24
C ASN A 286 -13.66 -5.03 4.00
N THR A 287 -13.38 -3.75 4.18
CA THR A 287 -13.39 -2.76 3.11
C THR A 287 -12.29 -1.71 3.28
N LEU A 288 -12.13 -0.83 2.30
CA LEU A 288 -11.13 0.24 2.36
C LEU A 288 -11.48 1.25 1.31
N PHE A 289 -11.59 2.50 1.72
CA PHE A 289 -12.15 3.50 0.79
C PHE A 289 -11.31 4.76 0.66
N THR A 290 -11.29 5.32 -0.53
CA THR A 290 -10.66 6.60 -0.75
C THR A 290 -11.59 7.44 -1.61
N PRO A 291 -11.67 8.76 -1.33
CA PRO A 291 -12.66 9.55 -2.01
C PRO A 291 -12.16 10.09 -3.38
N HIS A 292 -11.93 9.17 -4.32
CA HIS A 292 -11.53 9.48 -5.69
C HIS A 292 -10.22 10.25 -5.76
N ILE A 293 -9.25 9.76 -5.02
CA ILE A 293 -7.98 10.44 -4.98
C ILE A 293 -6.97 9.78 -5.93
N GLY A 294 -7.46 8.85 -6.76
CA GLY A 294 -6.68 8.20 -7.80
C GLY A 294 -5.57 9.03 -8.44
N SER A 295 -5.87 10.28 -8.83
CA SER A 295 -4.85 11.11 -9.45
C SER A 295 -4.58 12.38 -8.64
N ALA A 296 -4.72 12.28 -7.31
CA ALA A 296 -4.56 13.43 -6.41
C ALA A 296 -3.12 13.51 -5.94
N VAL A 297 -2.22 13.64 -6.92
CA VAL A 297 -0.82 13.94 -6.69
C VAL A 297 -0.53 15.31 -7.29
N ARG A 298 0.13 16.14 -6.48
CA ARG A 298 0.28 17.61 -6.71
C ARG A 298 1.00 17.96 -8.04
N ALA A 299 2.11 17.29 -8.34
CA ALA A 299 2.85 17.54 -9.61
C ALA A 299 2.08 17.06 -10.83
N VAL A 300 1.21 16.10 -10.64
CA VAL A 300 0.48 15.53 -11.74
C VAL A 300 -0.67 16.45 -12.14
N LYS A 301 -1.32 17.04 -11.15
CA LYS A 301 -2.45 17.92 -11.42
C LYS A 301 -2.05 19.00 -12.41
N LEU A 302 -0.93 19.65 -12.15
CA LEU A 302 -0.40 20.64 -13.08
C LEU A 302 -0.30 20.11 -14.52
N GLU A 303 0.27 18.92 -14.72
CA GLU A 303 0.34 18.33 -16.04
C GLU A 303 -1.04 18.02 -16.69
N ILE A 304 -1.87 17.29 -15.97
CA ILE A 304 -3.25 17.06 -16.42
C ILE A 304 -3.94 18.34 -16.92
N GLU A 305 -3.87 19.41 -16.10
CA GLU A 305 -4.47 20.70 -16.43
C GLU A 305 -3.90 21.25 -17.72
N ARG A 306 -2.59 21.08 -17.89
CA ARG A 306 -1.87 21.60 -19.03
C ARG A 306 -2.28 20.84 -20.27
N CYS A 307 -2.30 19.51 -20.18
CA CYS A 307 -2.76 18.68 -21.28
C CYS A 307 -4.13 19.15 -21.77
N ALA A 308 -5.08 19.26 -20.85
CA ALA A 308 -6.41 19.76 -21.18
C ALA A 308 -6.36 21.17 -21.77
N ALA A 309 -5.53 22.04 -21.19
CA ALA A 309 -5.32 23.36 -21.75
C ALA A 309 -4.89 23.31 -23.22
N GLN A 310 -3.76 22.67 -23.49
CA GLN A 310 -3.23 22.59 -24.84
C GLN A 310 -4.24 22.11 -25.84
N ASN A 311 -5.06 21.14 -25.43
CA ASN A 311 -6.12 20.59 -26.29
C ASN A 311 -7.11 21.66 -26.66
N ILE A 312 -7.62 22.34 -25.64
CA ILE A 312 -8.51 23.47 -25.82
C ILE A 312 -7.92 24.47 -26.81
N LEU A 313 -6.66 24.86 -26.62
CA LEU A 313 -6.06 25.88 -27.47
C LEU A 313 -6.03 25.46 -28.95
N GLN A 314 -5.74 24.19 -29.19
CA GLN A 314 -5.62 23.65 -30.53
C GLN A 314 -6.97 23.71 -31.22
N ALA A 315 -8.02 23.30 -30.50
CA ALA A 315 -9.40 23.33 -31.00
C ALA A 315 -9.78 24.72 -31.47
N LEU A 316 -9.47 25.71 -30.63
CA LEU A 316 -9.80 27.09 -30.87
C LEU A 316 -8.94 27.72 -31.95
N ALA A 317 -7.93 26.99 -32.42
CA ALA A 317 -7.03 27.45 -33.47
C ALA A 317 -7.40 26.74 -34.76
N GLY A 318 -8.49 25.99 -34.67
CA GLY A 318 -9.06 25.31 -35.81
C GLY A 318 -8.34 24.03 -36.17
N GLU A 319 -7.45 23.56 -35.30
CA GLU A 319 -6.81 22.25 -35.51
C GLU A 319 -7.58 21.09 -34.87
N ARG A 320 -7.28 19.87 -35.33
CA ARG A 320 -7.69 18.66 -34.63
C ARG A 320 -6.97 18.66 -33.29
N PRO A 321 -7.72 18.63 -32.16
CA PRO A 321 -7.04 18.63 -30.87
C PRO A 321 -6.32 17.31 -30.73
N ILE A 322 -5.09 17.36 -30.25
CA ILE A 322 -4.23 16.18 -30.23
C ILE A 322 -4.84 15.01 -29.45
N ASN A 323 -5.73 15.30 -28.50
CA ASN A 323 -6.39 14.27 -27.67
C ASN A 323 -7.90 14.21 -27.77
N ALA A 324 -8.47 14.64 -28.90
CA ALA A 324 -9.88 14.42 -29.17
C ALA A 324 -10.24 12.94 -29.06
N VAL A 325 -11.45 12.73 -28.56
CA VAL A 325 -12.01 11.43 -28.22
C VAL A 325 -12.98 11.11 -29.35
N ASN A 326 -13.47 12.18 -29.98
CA ASN A 326 -14.49 12.13 -31.01
C ASN A 326 -13.94 12.68 -32.35
N ARG A 327 -14.73 12.60 -33.43
CA ARG A 327 -14.23 12.94 -34.77
C ARG A 327 -15.08 14.00 -35.49
N LEU A 328 -14.44 14.96 -36.17
CA LEU A 328 -15.14 16.11 -36.81
C LEU A 328 -14.59 16.52 -38.22
N PRO A 329 -14.44 17.86 -38.51
CA PRO A 329 -13.67 18.29 -39.72
C PRO A 329 -12.18 18.53 -39.44
N MET B 1 16.11 -41.39 27.85
CA MET B 1 15.14 -40.28 28.10
C MET B 1 15.35 -39.18 27.05
N LEU B 2 14.24 -38.67 26.51
CA LEU B 2 14.27 -37.67 25.43
C LEU B 2 14.69 -36.25 25.87
N PRO B 3 15.52 -35.56 25.04
CA PRO B 3 15.84 -34.18 25.40
C PRO B 3 14.58 -33.31 25.55
N LYS B 4 14.56 -32.50 26.60
CA LYS B 4 13.42 -31.64 26.95
C LYS B 4 13.45 -30.30 26.19
N LEU B 5 12.32 -29.93 25.58
CA LEU B 5 12.20 -28.73 24.77
C LEU B 5 11.07 -27.85 25.26
N VAL B 6 11.37 -26.59 25.58
CA VAL B 6 10.35 -25.61 26.01
C VAL B 6 9.94 -24.75 24.80
N ILE B 7 8.66 -24.80 24.41
CA ILE B 7 8.09 -23.86 23.42
C ILE B 7 7.29 -22.78 24.12
N THR B 8 7.66 -21.52 23.93
CA THR B 8 7.07 -20.48 24.77
C THR B 8 5.74 -19.95 24.23
N HIS B 9 5.36 -20.33 22.99
CA HIS B 9 4.12 -19.86 22.34
C HIS B 9 3.35 -20.95 21.60
N ARG B 10 2.05 -20.76 21.35
CA ARG B 10 1.34 -21.74 20.53
C ARG B 10 2.10 -21.96 19.23
N VAL B 11 2.23 -23.22 18.83
CA VAL B 11 2.71 -23.61 17.49
C VAL B 11 1.64 -24.49 16.82
N HIS B 12 1.65 -24.58 15.50
CA HIS B 12 0.75 -25.50 14.79
C HIS B 12 0.92 -26.95 15.23
N GLU B 13 -0.22 -27.62 15.35
CA GLU B 13 -0.28 -29.05 15.58
C GLU B 13 0.82 -29.79 14.83
N GLU B 14 0.93 -29.52 13.53
CA GLU B 14 1.92 -30.13 12.65
C GLU B 14 3.36 -30.00 13.17
N ILE B 15 3.63 -28.92 13.89
CA ILE B 15 4.96 -28.67 14.41
C ILE B 15 5.23 -29.49 15.67
N LEU B 16 4.22 -29.64 16.52
CA LEU B 16 4.25 -30.59 17.63
C LEU B 16 4.55 -32.03 17.17
N GLN B 17 3.96 -32.42 16.04
CA GLN B 17 4.07 -33.80 15.55
C GLN B 17 5.41 -34.05 14.90
N LEU B 18 6.08 -32.99 14.48
CA LEU B 18 7.44 -33.15 14.04
C LEU B 18 8.41 -33.21 15.23
N LEU B 19 8.17 -32.41 16.27
CA LEU B 19 9.09 -32.31 17.39
C LEU B 19 8.96 -33.41 18.42
N ALA B 20 7.73 -33.69 18.87
CA ALA B 20 7.48 -34.66 19.96
C ALA B 20 8.20 -36.03 19.85
N PRO B 21 8.41 -36.53 18.60
CA PRO B 21 9.21 -37.76 18.46
C PRO B 21 10.69 -37.63 18.83
N HIS B 22 11.22 -36.41 18.88
CA HIS B 22 12.59 -36.24 19.39
C HIS B 22 12.69 -35.68 20.80
N CYS B 23 11.64 -35.03 21.30
CA CYS B 23 11.78 -34.31 22.55
C CYS B 23 10.58 -34.49 23.46
N GLU B 24 10.79 -34.38 24.76
CA GLU B 24 9.65 -34.15 25.60
C GLU B 24 9.32 -32.65 25.57
N LEU B 25 8.13 -32.30 25.10
CA LEU B 25 7.74 -30.90 24.90
C LEU B 25 7.04 -30.31 26.10
N ILE B 26 7.60 -29.24 26.66
CA ILE B 26 6.87 -28.38 27.59
C ILE B 26 6.26 -27.20 26.77
N THR B 27 5.01 -27.37 26.35
CA THR B 27 4.37 -26.43 25.43
C THR B 27 3.51 -25.37 26.13
N ASN B 28 3.12 -24.39 25.31
CA ASN B 28 2.20 -23.35 25.73
C ASN B 28 1.18 -23.15 24.62
N GLN B 29 0.30 -24.14 24.46
CA GLN B 29 -0.81 -24.03 23.48
C GLN B 29 -2.02 -23.20 23.97
N THR B 30 -1.76 -22.12 24.73
CA THR B 30 -2.74 -21.08 25.03
C THR B 30 -2.51 -19.88 24.09
N ASP B 31 -3.28 -18.81 24.31
CA ASP B 31 -3.22 -17.61 23.48
C ASP B 31 -2.28 -16.61 24.08
N SER B 32 -1.90 -16.82 25.34
CA SER B 32 -1.11 -15.84 26.09
C SER B 32 0.40 -16.04 25.91
N THR B 33 1.18 -14.99 26.21
CA THR B 33 2.60 -15.17 26.45
C THR B 33 2.85 -15.27 27.97
N LEU B 34 3.94 -15.91 28.39
CA LEU B 34 4.09 -16.26 29.81
C LEU B 34 5.04 -15.31 30.52
N THR B 35 5.09 -15.40 31.85
CA THR B 35 6.05 -14.58 32.59
C THR B 35 7.48 -15.05 32.33
N ARG B 36 8.43 -14.13 32.41
CA ARG B 36 9.84 -14.47 32.44
C ARG B 36 10.02 -15.52 33.55
N GLU B 37 9.48 -15.25 34.72
CA GLU B 37 9.62 -16.14 35.86
C GLU B 37 9.14 -17.56 35.48
N GLU B 38 8.02 -17.65 34.77
CA GLU B 38 7.44 -18.95 34.42
C GLU B 38 8.30 -19.69 33.42
N ILE B 39 8.85 -18.95 32.46
CA ILE B 39 9.62 -19.55 31.38
C ILE B 39 10.95 -20.08 31.92
N LEU B 40 11.54 -19.33 32.85
CA LEU B 40 12.74 -19.74 33.58
C LEU B 40 12.52 -21.05 34.34
N ARG B 41 11.44 -21.10 35.12
CA ARG B 41 11.01 -22.31 35.80
C ARG B 41 10.91 -23.50 34.84
N ARG B 42 10.36 -23.28 33.65
CA ARG B 42 10.24 -24.37 32.69
C ARG B 42 11.57 -24.74 32.09
N CYS B 43 12.43 -23.74 31.92
CA CYS B 43 13.74 -23.92 31.31
C CYS B 43 14.84 -24.38 32.26
N ARG B 44 14.57 -24.36 33.57
CA ARG B 44 15.49 -24.86 34.56
C ARG B 44 16.28 -26.09 34.05
N ASP B 45 15.60 -27.06 33.45
CA ASP B 45 16.33 -28.24 33.00
C ASP B 45 16.09 -28.70 31.55
N ALA B 46 15.73 -27.76 30.68
CA ALA B 46 15.47 -28.05 29.28
C ALA B 46 16.79 -28.08 28.51
N GLN B 47 16.83 -28.83 27.41
CA GLN B 47 18.02 -28.81 26.57
C GLN B 47 17.83 -27.92 25.38
N ALA B 48 16.59 -27.48 25.18
CA ALA B 48 16.28 -26.62 24.03
C ALA B 48 15.14 -25.66 24.31
N MET B 49 15.10 -24.59 23.54
CA MET B 49 14.08 -23.59 23.72
C MET B 49 13.68 -23.11 22.36
N MET B 50 12.39 -23.14 22.05
CA MET B 50 11.92 -22.44 20.89
C MET B 50 11.41 -21.09 21.35
N ALA B 51 11.97 -20.05 20.78
CA ALA B 51 11.71 -18.69 21.25
C ALA B 51 11.04 -17.84 20.18
N PHE B 52 10.27 -16.85 20.65
CA PHE B 52 9.49 -15.94 19.81
C PHE B 52 9.72 -14.51 20.28
N MET B 53 9.09 -13.53 19.63
CA MET B 53 9.42 -12.14 19.93
C MET B 53 9.26 -11.61 21.36
N PRO B 54 8.33 -12.16 22.14
CA PRO B 54 8.31 -11.74 23.54
C PRO B 54 9.49 -12.25 24.34
N ASP B 55 10.19 -13.27 23.86
CA ASP B 55 11.35 -13.80 24.60
C ASP B 55 12.56 -12.89 24.58
N ARG B 56 13.27 -12.87 25.70
CA ARG B 56 14.46 -12.09 25.85
C ARG B 56 15.36 -12.94 26.73
N VAL B 57 16.59 -13.13 26.28
CA VAL B 57 17.53 -14.02 26.91
C VAL B 57 18.84 -13.32 27.20
N ASP B 58 19.11 -13.10 28.49
CA ASP B 58 20.33 -12.43 28.99
C ASP B 58 21.22 -13.42 29.70
N ALA B 59 22.28 -12.93 30.34
CA ALA B 59 23.28 -13.80 30.99
C ALA B 59 22.65 -14.55 32.16
N ASP B 60 21.85 -13.85 32.94
CA ASP B 60 21.18 -14.44 34.09
C ASP B 60 20.20 -15.53 33.70
N PHE B 61 19.61 -15.42 32.51
CA PHE B 61 18.74 -16.48 31.98
C PHE B 61 19.53 -17.75 31.70
N LEU B 62 20.53 -17.63 30.85
CA LEU B 62 21.42 -18.76 30.60
C LEU B 62 21.97 -19.38 31.90
N GLN B 63 22.40 -18.53 32.84
CA GLN B 63 22.95 -19.01 34.10
C GLN B 63 21.99 -19.90 34.88
N ALA B 64 20.70 -19.58 34.79
CA ALA B 64 19.65 -20.35 35.44
C ALA B 64 19.20 -21.58 34.63
N CYS B 65 19.85 -21.82 33.49
CA CYS B 65 19.47 -22.92 32.59
C CYS B 65 20.70 -23.68 32.09
N PRO B 66 21.28 -24.51 32.98
CA PRO B 66 22.59 -25.08 32.70
C PRO B 66 22.55 -26.12 31.61
N GLU B 67 21.39 -26.74 31.40
CA GLU B 67 21.30 -27.89 30.50
C GLU B 67 21.09 -27.49 29.07
N LEU B 68 20.87 -26.20 28.83
CA LEU B 68 20.46 -25.72 27.51
C LEU B 68 21.53 -25.89 26.45
N ARG B 69 21.16 -26.51 25.34
CA ARG B 69 22.12 -26.69 24.25
C ARG B 69 21.85 -25.83 23.00
N VAL B 70 20.59 -25.41 22.81
CA VAL B 70 20.20 -24.57 21.65
C VAL B 70 18.97 -23.74 22.00
N ILE B 71 18.98 -22.47 21.55
CA ILE B 71 17.80 -21.60 21.51
C ILE B 71 17.46 -21.26 20.07
N GLY B 72 16.37 -21.85 19.57
CA GLY B 72 15.94 -21.68 18.19
C GLY B 72 14.88 -20.61 18.10
N CYS B 73 15.18 -19.56 17.32
CA CYS B 73 14.34 -18.38 17.27
C CYS B 73 13.40 -18.34 16.09
N ALA B 74 12.14 -18.15 16.40
CA ALA B 74 11.11 -18.06 15.37
C ALA B 74 11.03 -16.62 14.84
N LEU B 75 12.18 -16.11 14.42
CA LEU B 75 12.33 -14.70 14.01
C LEU B 75 13.69 -14.41 13.36
N LYS B 76 13.84 -13.21 12.80
CA LYS B 76 15.09 -12.73 12.17
C LYS B 76 15.94 -11.76 13.05
N GLY B 77 15.26 -10.94 13.84
CA GLY B 77 15.94 -9.95 14.68
C GLY B 77 16.16 -10.49 16.06
N PHE B 78 17.42 -10.86 16.33
CA PHE B 78 17.81 -11.48 17.59
C PHE B 78 18.20 -10.45 18.63
N ASP B 79 17.84 -9.19 18.40
CA ASP B 79 18.27 -8.11 19.32
C ASP B 79 17.93 -8.33 20.81
N ASN B 80 17.00 -9.23 21.12
CA ASN B 80 16.65 -9.49 22.51
C ASN B 80 17.38 -10.69 23.10
N PHE B 81 18.33 -11.22 22.33
CA PHE B 81 19.16 -12.36 22.77
C PHE B 81 20.67 -12.05 22.78
N ASP B 82 21.32 -12.22 23.92
CA ASP B 82 22.75 -12.00 24.04
C ASP B 82 23.58 -13.16 23.43
N VAL B 83 23.93 -13.02 22.16
CA VAL B 83 24.64 -14.05 21.41
C VAL B 83 25.98 -14.46 21.99
N ASP B 84 26.74 -13.47 22.47
CA ASP B 84 28.08 -13.72 23.06
C ASP B 84 27.95 -14.55 24.33
N ALA B 85 26.99 -14.18 25.16
CA ALA B 85 26.64 -14.97 26.34
C ALA B 85 26.24 -16.36 25.92
N CYS B 86 25.46 -16.48 24.83
CA CYS B 86 25.12 -17.81 24.29
C CYS B 86 26.36 -18.61 23.90
N THR B 87 27.19 -17.99 23.06
CA THR B 87 28.45 -18.59 22.63
C THR B 87 29.30 -19.05 23.83
N ALA B 88 29.39 -18.19 24.85
CA ALA B 88 30.20 -18.48 26.03
C ALA B 88 29.83 -19.77 26.80
N ARG B 89 28.55 -20.12 26.81
CA ARG B 89 28.02 -21.21 27.65
C ARG B 89 27.72 -22.43 26.82
N GLY B 90 28.12 -22.39 25.55
CA GLY B 90 27.98 -23.55 24.65
C GLY B 90 26.58 -23.71 24.04
N VAL B 91 25.86 -22.59 23.96
CA VAL B 91 24.49 -22.62 23.47
C VAL B 91 24.38 -22.05 22.03
N TRP B 92 24.08 -22.92 21.10
CA TRP B 92 23.65 -22.49 19.79
C TRP B 92 22.51 -21.46 19.91
N LEU B 93 22.53 -20.48 19.02
CA LEU B 93 21.40 -19.60 18.85
C LEU B 93 21.09 -19.49 17.36
N THR B 94 19.94 -19.99 16.95
CA THR B 94 19.53 -19.93 15.56
C THR B 94 18.37 -18.96 15.33
N PHE B 95 18.14 -18.62 14.07
CA PHE B 95 17.08 -17.71 13.65
C PHE B 95 16.46 -18.12 12.32
N VAL B 96 15.70 -17.22 11.71
CA VAL B 96 15.00 -17.53 10.47
C VAL B 96 15.39 -16.48 9.40
N PRO B 97 16.31 -16.84 8.48
CA PRO B 97 16.89 -15.73 7.67
C PRO B 97 16.03 -15.19 6.51
N ASP B 98 15.03 -15.94 6.02
CA ASP B 98 14.26 -15.44 4.87
C ASP B 98 12.74 -15.43 4.94
N LEU B 99 12.17 -16.35 5.69
CA LEU B 99 10.71 -16.52 5.68
C LEU B 99 9.92 -15.26 6.01
N LEU B 100 10.53 -14.31 6.73
CA LEU B 100 9.84 -13.12 7.20
C LEU B 100 9.98 -11.95 6.24
N THR B 101 10.95 -12.04 5.33
CA THR B 101 11.35 -10.91 4.47
C THR B 101 10.20 -10.36 3.62
N VAL B 102 9.54 -11.22 2.88
CA VAL B 102 8.62 -10.81 1.82
C VAL B 102 7.32 -10.18 2.35
N PRO B 103 6.57 -10.93 3.21
CA PRO B 103 5.41 -10.32 3.87
C PRO B 103 5.74 -8.95 4.48
N THR B 104 6.88 -8.85 5.21
CA THR B 104 7.37 -7.55 5.75
C THR B 104 7.66 -6.51 4.64
N ALA B 105 8.32 -6.92 3.55
CA ALA B 105 8.53 -6.01 2.41
C ALA B 105 7.20 -5.57 1.80
N GLU B 106 6.30 -6.51 1.55
CA GLU B 106 4.99 -6.11 1.03
C GLU B 106 4.32 -5.09 1.95
N LEU B 107 4.45 -5.27 3.26
CA LEU B 107 3.78 -4.36 4.18
C LEU B 107 4.34 -2.97 4.10
N ALA B 108 5.67 -2.87 4.08
CA ALA B 108 6.34 -1.58 4.06
C ALA B 108 6.01 -0.75 2.82
N ILE B 109 5.98 -1.38 1.64
CA ILE B 109 5.54 -0.67 0.44
C ILE B 109 4.10 -0.19 0.67
N GLY B 110 3.24 -1.07 1.16
CA GLY B 110 1.86 -0.71 1.48
C GLY B 110 1.78 0.51 2.42
N LEU B 111 2.67 0.59 3.39
CA LEU B 111 2.63 1.67 4.37
C LEU B 111 3.13 2.94 3.70
N ALA B 112 4.15 2.78 2.86
CA ALA B 112 4.66 3.86 2.04
C ALA B 112 3.57 4.51 1.23
N VAL B 113 2.89 3.70 0.41
CA VAL B 113 1.82 4.19 -0.43
C VAL B 113 0.72 4.73 0.48
N GLY B 114 0.31 3.93 1.46
CA GLY B 114 -0.70 4.34 2.41
C GLY B 114 -0.43 5.71 3.03
N LEU B 115 0.74 5.90 3.61
CA LEU B 115 1.13 7.17 4.20
C LEU B 115 1.19 8.30 3.17
N GLY B 116 1.85 8.07 2.04
CA GLY B 116 1.95 9.10 0.98
C GLY B 116 0.61 9.67 0.51
N ARG B 117 -0.42 8.83 0.48
CA ARG B 117 -1.73 9.22 -0.05
C ARG B 117 -2.78 9.55 1.02
N HIS B 118 -2.38 9.61 2.29
CA HIS B 118 -3.30 10.04 3.38
C HIS B 118 -4.51 9.10 3.40
N LEU B 119 -4.22 7.81 3.52
CA LEU B 119 -5.20 6.76 3.42
C LEU B 119 -6.14 6.62 4.65
N ARG B 120 -5.55 6.65 5.86
CA ARG B 120 -6.31 6.67 7.10
C ARG B 120 -7.43 7.71 7.03
N ALA B 121 -7.06 8.95 6.75
CA ALA B 121 -8.02 10.06 6.70
C ALA B 121 -9.02 9.97 5.56
N ALA B 122 -8.56 9.44 4.43
CA ALA B 122 -9.33 9.30 3.20
C ALA B 122 -10.49 8.37 3.46
N ASP B 123 -10.16 7.27 4.15
CA ASP B 123 -11.10 6.21 4.46
C ASP B 123 -12.07 6.70 5.54
N ALA B 124 -11.57 7.50 6.47
CA ALA B 124 -12.45 8.10 7.45
C ALA B 124 -13.46 9.01 6.74
N PHE B 125 -12.95 9.88 5.87
CA PHE B 125 -13.81 10.76 5.12
C PHE B 125 -14.95 10.02 4.41
N VAL B 126 -14.60 8.98 3.66
CA VAL B 126 -15.61 8.22 2.94
C VAL B 126 -16.58 7.58 3.94
N ARG B 127 -16.06 7.01 5.02
CA ARG B 127 -16.87 6.22 5.92
C ARG B 127 -17.81 7.07 6.75
N SER B 128 -17.53 8.38 6.78
CA SER B 128 -18.30 9.34 7.58
C SER B 128 -19.67 9.63 6.94
N GLY B 129 -19.82 9.23 5.67
CA GLY B 129 -21.07 9.36 4.96
C GLY B 129 -21.19 10.68 4.24
N LYS B 130 -20.19 11.57 4.35
CA LYS B 130 -20.24 12.89 3.64
C LYS B 130 -19.38 13.04 2.39
N PHE B 131 -19.10 11.92 1.71
CA PHE B 131 -18.52 11.95 0.38
C PHE B 131 -19.58 12.45 -0.60
N ARG B 132 -19.25 13.52 -1.32
CA ARG B 132 -20.14 14.12 -2.31
C ARG B 132 -19.49 14.10 -3.68
N GLY B 133 -18.65 13.10 -3.92
CA GLY B 133 -17.92 13.01 -5.19
C GLY B 133 -16.56 13.66 -5.13
N TRP B 134 -15.88 13.71 -6.27
CA TRP B 134 -14.52 14.20 -6.38
C TRP B 134 -14.36 15.62 -5.91
N GLN B 135 -13.19 15.92 -5.34
CA GLN B 135 -12.82 17.31 -5.10
C GLN B 135 -11.34 17.65 -5.31
N PRO B 136 -11.05 18.93 -5.58
CA PRO B 136 -9.68 19.44 -5.76
C PRO B 136 -8.90 19.60 -4.44
N ARG B 137 -8.90 18.56 -3.61
CA ARG B 137 -8.17 18.55 -2.34
C ARG B 137 -7.79 17.11 -1.94
N PHE B 138 -7.41 16.92 -0.68
CA PHE B 138 -6.88 15.64 -0.19
C PHE B 138 -5.54 15.16 -0.75
N TYR B 139 -5.14 15.73 -1.91
CA TYR B 139 -3.81 15.63 -2.53
C TYR B 139 -2.60 14.98 -1.76
N GLY B 140 -1.84 14.12 -2.43
CA GLY B 140 -0.74 13.38 -1.78
C GLY B 140 0.52 13.22 -2.59
N THR B 141 1.41 12.30 -2.14
CA THR B 141 2.76 12.08 -2.70
C THR B 141 2.92 10.68 -3.30
N GLY B 142 3.25 10.59 -4.59
CA GLY B 142 3.46 9.28 -5.24
C GLY B 142 4.91 8.83 -5.25
N LEU B 143 5.16 7.63 -5.77
CA LEU B 143 6.53 7.10 -5.93
C LEU B 143 7.15 7.44 -7.29
N ASP B 144 6.31 7.58 -8.30
CA ASP B 144 6.76 8.06 -9.59
C ASP B 144 7.53 9.37 -9.38
N ASN B 145 8.78 9.40 -9.88
CA ASN B 145 9.68 10.56 -9.80
C ASN B 145 10.23 10.90 -8.44
N ALA B 146 9.74 10.25 -7.38
CA ALA B 146 10.30 10.50 -6.07
C ALA B 146 11.65 9.81 -5.95
N THR B 147 12.47 10.32 -5.04
CA THR B 147 13.68 9.61 -4.61
C THR B 147 13.32 8.81 -3.35
N VAL B 148 13.66 7.52 -3.38
CA VAL B 148 13.39 6.61 -2.28
C VAL B 148 14.73 6.14 -1.72
N GLY B 149 15.00 6.48 -0.47
CA GLY B 149 16.25 6.08 0.18
C GLY B 149 16.06 4.94 1.17
N PHE B 150 16.83 3.86 1.01
CA PHE B 150 16.81 2.78 1.98
C PHE B 150 17.98 2.92 2.97
N LEU B 151 17.71 2.67 4.25
CA LEU B 151 18.78 2.60 5.21
C LEU B 151 18.87 1.15 5.65
N GLY B 152 19.86 0.44 5.10
CA GLY B 152 19.92 -1.00 5.19
C GLY B 152 19.66 -1.56 3.80
N MET B 153 20.38 -2.61 3.43
CA MET B 153 20.24 -3.22 2.13
C MET B 153 20.55 -4.72 2.22
N GLY B 154 19.97 -5.38 3.24
CA GLY B 154 20.02 -6.81 3.36
C GLY B 154 18.77 -7.43 2.76
N ALA B 155 18.27 -8.47 3.41
CA ALA B 155 17.16 -9.25 2.90
C ALA B 155 15.94 -8.37 2.56
N ILE B 156 15.55 -7.52 3.53
CA ILE B 156 14.32 -6.77 3.42
C ILE B 156 14.47 -5.63 2.43
N GLY B 157 15.56 -4.88 2.54
CA GLY B 157 15.78 -3.75 1.66
C GLY B 157 15.82 -4.22 0.23
N LEU B 158 16.34 -5.42 -0.04
CA LEU B 158 16.40 -5.91 -1.41
C LEU B 158 14.98 -6.24 -1.90
N ALA B 159 14.20 -6.86 -1.02
CA ALA B 159 12.85 -7.26 -1.37
C ALA B 159 12.00 -6.03 -1.66
N MET B 160 12.26 -4.93 -0.95
CA MET B 160 11.53 -3.69 -1.19
C MET B 160 11.96 -3.16 -2.53
N ALA B 161 13.28 -3.14 -2.78
CA ALA B 161 13.77 -2.66 -4.06
C ALA B 161 13.26 -3.54 -5.19
N ASP B 162 13.28 -4.85 -4.99
CA ASP B 162 12.71 -5.76 -5.98
C ASP B 162 11.32 -5.26 -6.34
N ARG B 163 10.55 -4.90 -5.31
CA ARG B 163 9.13 -4.67 -5.47
C ARG B 163 8.80 -3.30 -6.00
N LEU B 164 9.83 -2.47 -6.14
CA LEU B 164 9.68 -1.11 -6.63
C LEU B 164 10.18 -0.99 -8.05
N GLN B 165 10.56 -2.12 -8.62
CA GLN B 165 11.22 -2.10 -9.91
C GLN B 165 10.50 -1.32 -11.00
N GLY B 166 9.21 -1.54 -11.20
CA GLY B 166 8.63 -0.76 -12.29
C GLY B 166 8.08 0.63 -11.96
N TRP B 167 8.53 1.26 -10.88
CA TRP B 167 7.73 2.33 -10.26
C TRP B 167 8.09 3.77 -10.57
N GLY B 168 9.15 4.00 -11.35
CA GLY B 168 9.49 5.36 -11.82
C GLY B 168 10.23 6.19 -10.80
N ALA B 169 10.77 5.50 -9.79
CA ALA B 169 11.47 6.15 -8.67
C ALA B 169 13.01 6.02 -8.80
N THR B 170 13.74 6.96 -8.21
CA THR B 170 15.18 6.89 -8.22
C THR B 170 15.60 6.29 -6.89
N LEU B 171 16.25 5.14 -6.96
CA LEU B 171 16.52 4.38 -5.77
C LEU B 171 17.96 4.60 -5.27
N GLN B 172 18.05 4.92 -3.98
CA GLN B 172 19.33 5.04 -3.30
C GLN B 172 19.34 4.34 -1.92
N TYR B 173 20.55 4.08 -1.43
CA TYR B 173 20.71 3.44 -0.17
C TYR B 173 22.04 3.79 0.52
N HIS B 174 22.09 3.55 1.83
CA HIS B 174 23.31 3.52 2.63
C HIS B 174 23.25 2.33 3.57
N GLU B 175 24.29 1.51 3.58
CA GLU B 175 24.29 0.27 4.36
C GLU B 175 25.58 0.26 5.21
N ALA B 176 25.74 -0.72 6.09
CA ALA B 176 27.00 -0.87 6.82
C ALA B 176 28.03 -1.52 5.90
N LYS B 177 27.56 -2.21 4.89
CA LYS B 177 28.41 -2.85 3.90
C LYS B 177 27.80 -2.59 2.51
N ALA B 178 28.57 -2.07 1.58
CA ALA B 178 28.01 -1.84 0.23
C ALA B 178 27.42 -3.12 -0.40
N LEU B 179 26.42 -2.93 -1.25
CA LEU B 179 25.99 -3.96 -2.22
C LEU B 179 27.03 -4.15 -3.31
N ASP B 180 27.11 -5.36 -3.85
CA ASP B 180 28.00 -5.61 -4.98
C ASP B 180 27.49 -4.90 -6.23
N THR B 181 28.43 -4.63 -7.12
CA THR B 181 28.16 -3.88 -8.34
C THR B 181 26.99 -4.40 -9.20
N GLN B 182 26.86 -5.72 -9.26
CA GLN B 182 25.86 -6.33 -10.15
C GLN B 182 24.44 -6.08 -9.68
N THR B 183 24.17 -6.53 -8.46
CA THR B 183 22.94 -6.28 -7.76
C THR B 183 22.63 -4.79 -7.79
N GLU B 184 23.65 -3.93 -7.61
CA GLU B 184 23.45 -2.48 -7.69
C GLU B 184 22.84 -2.06 -9.00
N GLN B 185 23.51 -2.37 -10.10
CA GLN B 185 23.03 -1.97 -11.43
C GLN B 185 21.79 -2.76 -11.86
N ARG B 186 21.69 -4.03 -11.46
CA ARG B 186 20.42 -4.77 -11.67
C ARG B 186 19.20 -3.98 -11.12
N LEU B 187 19.27 -3.50 -9.87
CA LEU B 187 18.13 -2.85 -9.25
C LEU B 187 18.05 -1.34 -9.43
N GLY B 188 19.07 -0.75 -10.03
CA GLY B 188 19.11 0.69 -10.20
C GLY B 188 19.38 1.40 -8.88
N LEU B 189 20.28 0.86 -8.05
CA LEU B 189 20.53 1.46 -6.73
C LEU B 189 21.87 2.20 -6.62
N ARG B 190 21.84 3.49 -6.28
CA ARG B 190 23.07 4.23 -6.02
C ARG B 190 23.36 4.27 -4.52
N GLN B 191 24.60 3.92 -4.14
CA GLN B 191 25.05 4.05 -2.75
C GLN B 191 25.35 5.51 -2.43
N VAL B 192 24.93 5.94 -1.26
CA VAL B 192 25.22 7.28 -0.80
C VAL B 192 25.52 7.15 0.69
N ALA B 193 25.94 8.25 1.31
CA ALA B 193 26.20 8.27 2.74
C ALA B 193 24.90 8.56 3.46
N CYS B 194 24.81 8.05 4.69
CA CYS B 194 23.69 8.28 5.61
C CYS B 194 23.11 9.69 5.60
N SER B 195 23.92 10.71 5.87
CA SER B 195 23.36 12.06 5.98
C SER B 195 22.78 12.57 4.66
N GLU B 196 23.50 12.32 3.57
CA GLU B 196 23.00 12.54 2.22
C GLU B 196 21.68 11.75 1.97
N LEU B 197 21.61 10.49 2.41
CA LEU B 197 20.35 9.73 2.31
C LEU B 197 19.17 10.49 2.88
N PHE B 198 19.31 10.96 4.12
CA PHE B 198 18.24 11.68 4.80
C PHE B 198 17.98 13.08 4.24
N ALA B 199 19.00 13.73 3.69
CA ALA B 199 18.79 15.05 3.05
C ALA B 199 18.09 15.00 1.69
N SER B 200 18.25 13.92 0.94
CA SER B 200 17.79 13.90 -0.45
C SER B 200 16.69 12.87 -0.80
N SER B 201 15.98 12.35 0.18
CA SER B 201 14.99 11.30 -0.10
C SER B 201 13.60 11.78 0.21
N ASP B 202 12.66 11.38 -0.63
CA ASP B 202 11.25 11.74 -0.46
C ASP B 202 10.61 10.72 0.44
N PHE B 203 11.09 9.48 0.31
CA PHE B 203 10.68 8.40 1.16
C PHE B 203 11.96 7.86 1.72
N ILE B 204 11.93 7.55 3.02
CA ILE B 204 13.00 6.86 3.63
C ILE B 204 12.41 5.57 4.18
N LEU B 205 12.95 4.45 3.70
CA LEU B 205 12.49 3.14 4.16
C LEU B 205 13.59 2.50 4.98
N LEU B 206 13.31 2.29 6.27
CA LEU B 206 14.26 1.68 7.21
C LEU B 206 14.33 0.19 6.99
N ALA B 207 15.54 -0.35 7.00
CA ALA B 207 15.72 -1.76 6.65
C ALA B 207 16.94 -2.32 7.35
N LEU B 208 17.16 -1.89 8.60
CA LEU B 208 18.34 -2.33 9.32
C LEU B 208 17.96 -2.97 10.67
N PRO B 209 18.85 -3.75 11.30
CA PRO B 209 18.47 -4.39 12.58
C PRO B 209 18.73 -3.52 13.78
N LEU B 210 18.18 -3.91 14.93
CA LEU B 210 18.52 -3.23 16.17
C LEU B 210 19.74 -3.85 16.84
N ASN B 211 20.72 -2.99 17.12
CA ASN B 211 21.92 -3.28 17.93
C ASN B 211 22.49 -1.96 18.42
N ALA B 212 23.40 -2.02 19.39
CA ALA B 212 24.09 -0.85 19.96
C ALA B 212 24.53 0.19 18.93
N ASP B 213 24.92 -0.26 17.74
CA ASP B 213 25.33 0.68 16.72
C ASP B 213 24.17 1.45 16.08
N THR B 214 22.99 0.82 16.05
CA THR B 214 21.84 1.38 15.32
C THR B 214 20.80 1.89 16.27
N LEU B 215 20.97 1.66 17.55
CA LEU B 215 20.02 2.13 18.55
C LEU B 215 19.92 3.64 18.43
N HIS B 216 18.70 4.15 18.19
CA HIS B 216 18.47 5.58 18.06
C HIS B 216 19.28 6.28 16.95
N LEU B 217 19.67 5.53 15.93
CA LEU B 217 20.37 6.08 14.75
C LEU B 217 19.58 7.22 14.12
N VAL B 218 18.29 7.00 13.86
CA VAL B 218 17.37 8.02 13.34
C VAL B 218 16.97 8.98 14.48
N ASN B 219 17.78 10.01 14.69
CA ASN B 219 17.61 10.91 15.85
C ASN B 219 17.39 12.33 15.40
N ALA B 220 17.20 13.25 16.36
CA ALA B 220 16.93 14.67 16.01
C ALA B 220 17.90 15.21 14.94
N GLU B 221 19.20 15.07 15.18
CA GLU B 221 20.24 15.48 14.21
C GLU B 221 19.88 15.10 12.76
N LEU B 222 19.71 13.79 12.53
CA LEU B 222 19.41 13.27 11.20
C LEU B 222 18.07 13.83 10.66
N LEU B 223 17.01 13.76 11.46
CA LEU B 223 15.70 14.27 11.05
C LEU B 223 15.68 15.76 10.68
N ALA B 224 16.58 16.54 11.28
CA ALA B 224 16.66 17.97 10.97
C ALA B 224 17.17 18.23 9.52
N LEU B 225 17.80 17.21 8.93
CA LEU B 225 18.26 17.25 7.52
C LEU B 225 17.21 16.98 6.43
N VAL B 226 16.02 16.50 6.77
CA VAL B 226 15.13 15.97 5.72
C VAL B 226 14.50 17.12 4.91
N ARG B 227 14.19 16.87 3.64
CA ARG B 227 13.39 17.82 2.90
C ARG B 227 12.06 17.95 3.61
N PRO B 228 11.54 19.18 3.74
CA PRO B 228 10.21 19.21 4.35
C PRO B 228 9.20 18.38 3.52
N GLY B 229 8.43 17.52 4.18
CA GLY B 229 7.43 16.71 3.50
C GLY B 229 7.91 15.28 3.31
N ALA B 230 9.13 14.99 3.74
CA ALA B 230 9.72 13.65 3.62
C ALA B 230 8.98 12.62 4.47
N LEU B 231 8.83 11.41 3.92
CA LEU B 231 8.06 10.37 4.55
C LEU B 231 8.92 9.20 5.05
N LEU B 232 8.80 8.88 6.34
CA LEU B 232 9.61 7.84 6.99
C LEU B 232 8.75 6.62 7.25
N VAL B 233 9.31 5.45 6.93
CA VAL B 233 8.59 4.19 7.08
C VAL B 233 9.49 3.23 7.85
N ASN B 234 9.07 2.83 9.06
CA ASN B 234 9.86 1.91 9.85
C ASN B 234 9.21 0.54 9.98
N PRO B 235 9.73 -0.46 9.23
CA PRO B 235 9.18 -1.79 9.35
C PRO B 235 10.11 -2.72 10.06
N CYS B 236 11.08 -2.22 10.82
CA CYS B 236 12.02 -3.18 11.37
C CYS B 236 12.22 -3.23 12.87
N ARG B 237 12.67 -2.15 13.48
CA ARG B 237 12.60 -2.10 14.94
C ARG B 237 12.31 -0.69 15.38
N GLY B 238 11.40 -0.58 16.34
CA GLY B 238 11.03 0.70 16.86
C GLY B 238 12.24 1.51 17.19
N SER B 239 13.20 0.91 17.91
CA SER B 239 14.25 1.70 18.55
C SER B 239 15.40 2.11 17.65
N VAL B 240 15.34 1.78 16.36
CA VAL B 240 16.34 2.29 15.47
C VAL B 240 16.06 3.76 15.29
N VAL B 241 14.83 4.19 15.59
CA VAL B 241 14.52 5.62 15.66
C VAL B 241 14.25 6.14 17.08
N ASP B 242 14.31 7.46 17.25
CA ASP B 242 13.93 8.13 18.50
C ASP B 242 12.50 8.70 18.37
N GLU B 243 11.50 7.94 18.81
CA GLU B 243 10.10 8.30 18.55
C GLU B 243 9.71 9.73 18.99
N ALA B 244 10.30 10.21 20.08
CA ALA B 244 10.13 11.61 20.50
C ALA B 244 10.71 12.56 19.47
N ALA B 245 11.89 12.24 18.94
CA ALA B 245 12.45 13.03 17.85
C ALA B 245 11.56 12.97 16.61
N VAL B 246 11.11 11.76 16.26
CA VAL B 246 10.14 11.62 15.18
C VAL B 246 8.93 12.50 15.39
N LEU B 247 8.34 12.45 16.58
CA LEU B 247 7.16 13.26 16.90
C LEU B 247 7.40 14.77 16.73
N ALA B 248 8.50 15.26 17.30
CA ALA B 248 8.83 16.67 17.26
C ALA B 248 8.93 17.09 15.79
N ALA B 249 9.63 16.30 14.98
CA ALA B 249 9.78 16.56 13.56
C ALA B 249 8.44 16.63 12.81
N LEU B 250 7.52 15.74 13.18
CA LEU B 250 6.15 15.79 12.67
C LEU B 250 5.42 17.04 13.16
N GLU B 251 5.50 17.32 14.45
CA GLU B 251 4.78 18.45 15.02
C GLU B 251 5.19 19.81 14.44
N ARG B 252 6.48 19.98 14.09
CA ARG B 252 7.00 21.23 13.50
C ARG B 252 6.82 21.30 11.97
N GLY B 253 6.22 20.27 11.38
CA GLY B 253 5.96 20.24 9.95
C GLY B 253 7.12 19.84 9.05
N GLN B 254 8.32 19.65 9.59
CA GLN B 254 9.42 19.19 8.73
C GLN B 254 9.20 17.78 8.17
N LEU B 255 8.91 16.82 9.05
CA LEU B 255 8.65 15.47 8.59
C LEU B 255 7.21 15.42 8.09
N GLY B 256 7.05 15.00 6.84
CA GLY B 256 5.74 14.90 6.22
C GLY B 256 4.86 13.87 6.90
N GLY B 257 5.44 12.71 7.26
CA GLY B 257 4.74 11.63 7.93
C GLY B 257 5.60 10.46 8.42
N TYR B 258 4.99 9.64 9.28
CA TYR B 258 5.65 8.49 9.89
C TYR B 258 4.70 7.30 9.89
N ALA B 259 5.23 6.16 9.47
CA ALA B 259 4.48 4.94 9.43
C ALA B 259 5.40 3.86 9.95
N ALA B 260 4.85 2.99 10.81
CA ALA B 260 5.66 1.94 11.42
C ALA B 260 4.84 0.70 11.78
N ASP B 261 5.49 -0.46 11.73
CA ASP B 261 4.93 -1.72 12.15
C ASP B 261 5.58 -2.12 13.45
N VAL B 262 6.55 -1.33 13.90
CA VAL B 262 7.34 -1.61 15.10
C VAL B 262 7.52 -0.37 16.01
N PHE B 263 7.82 -0.60 17.29
CA PHE B 263 7.78 0.50 18.26
C PHE B 263 8.78 0.32 19.38
N GLU B 264 9.35 1.43 19.86
CA GLU B 264 10.31 1.36 20.97
C GLU B 264 9.83 0.51 22.15
N MET B 265 8.54 0.53 22.45
CA MET B 265 8.01 -0.27 23.58
C MET B 265 8.21 -1.78 23.56
N GLU B 266 8.50 -2.36 22.39
CA GLU B 266 8.58 -3.82 22.23
C GLU B 266 9.98 -4.35 22.39
N ASP B 267 10.91 -3.47 22.69
CA ASP B 267 12.29 -3.85 22.61
C ASP B 267 12.73 -4.24 24.00
N TRP B 268 12.38 -5.47 24.33
CA TRP B 268 12.48 -6.00 25.69
C TRP B 268 13.84 -5.76 26.35
N ALA B 269 14.92 -6.05 25.61
CA ALA B 269 16.31 -5.91 26.10
C ALA B 269 16.69 -4.52 26.63
N ARG B 270 15.97 -3.50 26.15
CA ARG B 270 16.22 -2.12 26.44
C ARG B 270 15.63 -1.73 27.78
N ALA B 271 16.54 -1.64 28.74
CA ALA B 271 16.27 -1.26 30.12
C ALA B 271 15.33 -0.06 30.22
N ASP B 272 15.52 0.93 29.34
CA ASP B 272 14.81 2.23 29.40
C ASP B 272 13.72 2.45 28.35
N ARG B 273 13.26 1.39 27.68
CA ARG B 273 12.25 1.57 26.64
C ARG B 273 11.02 2.29 27.20
N PRO B 274 10.38 3.12 26.37
CA PRO B 274 9.08 3.57 26.83
C PRO B 274 8.14 2.37 26.99
N GLN B 275 7.17 2.54 27.89
CA GLN B 275 6.20 1.49 28.22
C GLN B 275 4.98 1.53 27.31
N GLN B 276 4.89 2.57 26.49
CA GLN B 276 3.79 2.71 25.54
C GLN B 276 4.22 3.61 24.40
N ILE B 277 3.48 3.59 23.30
CA ILE B 277 3.66 4.59 22.26
C ILE B 277 3.05 5.89 22.77
N ASP B 278 3.79 6.97 22.61
CA ASP B 278 3.32 8.25 23.07
C ASP B 278 1.96 8.65 22.45
N PRO B 279 0.96 8.94 23.32
CA PRO B 279 -0.40 9.31 22.90
C PRO B 279 -0.42 10.50 21.92
N ALA B 280 0.61 11.34 21.96
CA ALA B 280 0.61 12.49 21.06
C ALA B 280 0.98 12.03 19.66
N LEU B 281 1.74 10.94 19.59
CA LEU B 281 2.15 10.35 18.36
C LEU B 281 0.98 9.55 17.77
N LEU B 282 0.28 8.78 18.61
CA LEU B 282 -0.93 8.08 18.16
C LEU B 282 -2.03 9.09 17.69
N ALA B 283 -2.08 10.27 18.30
CA ALA B 283 -3.07 11.29 17.87
C ALA B 283 -2.65 12.10 16.62
N HIS B 284 -1.38 11.99 16.23
CA HIS B 284 -0.91 12.79 15.10
C HIS B 284 -1.48 12.31 13.76
N PRO B 285 -2.09 13.25 13.01
CA PRO B 285 -2.73 12.92 11.73
C PRO B 285 -1.77 12.36 10.68
N ASN B 286 -0.49 12.68 10.76
CA ASN B 286 0.43 12.29 9.68
C ASN B 286 1.15 11.00 10.01
N THR B 287 0.38 9.97 10.34
CA THR B 287 0.99 8.73 10.71
C THR B 287 0.19 7.62 10.09
N LEU B 288 0.71 6.41 10.18
CA LEU B 288 -0.01 5.23 9.80
C LEU B 288 0.68 4.09 10.57
N PHE B 289 -0.08 3.34 11.35
CA PHE B 289 0.51 2.31 12.17
C PHE B 289 -0.04 0.92 11.92
N THR B 290 0.83 -0.07 12.01
CA THR B 290 0.33 -1.42 12.11
C THR B 290 1.02 -2.09 13.29
N PRO B 291 0.31 -3.03 13.94
CA PRO B 291 0.78 -3.59 15.21
C PRO B 291 1.68 -4.81 15.04
N HIS B 292 2.88 -4.59 14.52
CA HIS B 292 3.87 -5.64 14.30
C HIS B 292 3.29 -6.84 13.55
N ILE B 293 2.69 -6.58 12.38
CA ILE B 293 2.07 -7.64 11.58
C ILE B 293 2.91 -7.87 10.34
N GLY B 294 4.14 -7.36 10.34
CA GLY B 294 5.08 -7.61 9.26
C GLY B 294 5.01 -8.97 8.60
N SER B 295 5.03 -10.03 9.41
CA SER B 295 5.01 -11.42 8.92
C SER B 295 3.71 -12.18 9.30
N ALA B 296 2.64 -11.45 9.57
CA ALA B 296 1.36 -12.04 9.99
C ALA B 296 0.57 -12.49 8.77
N VAL B 297 1.10 -13.56 8.15
CA VAL B 297 0.51 -14.25 7.01
C VAL B 297 0.58 -15.75 7.37
N ARG B 298 -0.57 -16.41 7.45
CA ARG B 298 -0.66 -17.75 8.07
C ARG B 298 0.27 -18.81 7.46
N ALA B 299 0.18 -19.00 6.15
CA ALA B 299 1.05 -19.94 5.44
C ALA B 299 2.50 -19.76 5.88
N VAL B 300 2.86 -18.51 6.15
CA VAL B 300 4.23 -18.17 6.47
C VAL B 300 4.55 -18.50 7.92
N LYS B 301 3.60 -18.26 8.82
CA LYS B 301 3.84 -18.48 10.23
C LYS B 301 4.19 -19.95 10.50
N LEU B 302 3.47 -20.87 9.85
CA LEU B 302 3.78 -22.30 9.96
C LEU B 302 5.20 -22.57 9.49
N GLU B 303 5.59 -21.96 8.37
CA GLU B 303 6.92 -22.15 7.87
C GLU B 303 7.98 -21.67 8.84
N ILE B 304 7.70 -20.54 9.48
CA ILE B 304 8.65 -19.98 10.42
C ILE B 304 8.86 -20.96 11.59
N GLU B 305 7.77 -21.45 12.15
CA GLU B 305 7.84 -22.48 13.18
C GLU B 305 8.65 -23.69 12.69
N ARG B 306 8.43 -24.13 11.45
CA ARG B 306 9.16 -25.28 10.94
C ARG B 306 10.66 -25.00 10.83
N CYS B 307 11.01 -23.83 10.32
CA CYS B 307 12.42 -23.49 10.22
C CYS B 307 13.14 -23.62 11.59
N ALA B 308 12.54 -23.05 12.64
CA ALA B 308 13.15 -23.06 13.97
C ALA B 308 13.23 -24.47 14.55
N ALA B 309 12.24 -25.28 14.24
CA ALA B 309 12.11 -26.62 14.74
C ALA B 309 13.23 -27.48 14.17
N GLN B 310 13.46 -27.36 12.87
CA GLN B 310 14.52 -28.09 12.21
C GLN B 310 15.86 -27.64 12.73
N ASN B 311 16.04 -26.33 12.87
CA ASN B 311 17.26 -25.79 13.44
C ASN B 311 17.49 -26.39 14.83
N ILE B 312 16.45 -26.37 15.65
CA ILE B 312 16.53 -26.94 16.99
C ILE B 312 16.94 -28.43 16.92
N LEU B 313 16.34 -29.16 16.00
CA LEU B 313 16.59 -30.60 15.86
C LEU B 313 18.01 -30.93 15.43
N GLN B 314 18.51 -30.17 14.46
CA GLN B 314 19.89 -30.31 14.04
C GLN B 314 20.82 -30.11 15.20
N ALA B 315 20.54 -29.13 16.05
CA ALA B 315 21.44 -28.90 17.16
C ALA B 315 21.45 -30.12 18.09
N LEU B 316 20.27 -30.58 18.50
CA LEU B 316 20.17 -31.74 19.38
C LEU B 316 20.83 -33.01 18.81
N ALA B 317 20.84 -33.16 17.48
CA ALA B 317 21.56 -34.26 16.81
C ALA B 317 23.06 -33.97 16.71
N GLY B 318 23.48 -32.80 17.21
CA GLY B 318 24.90 -32.49 17.33
C GLY B 318 25.53 -32.01 16.05
N GLU B 319 24.73 -31.77 15.02
CA GLU B 319 25.20 -31.04 13.84
C GLU B 319 25.29 -29.56 14.21
N ARG B 320 25.99 -28.78 13.40
CA ARG B 320 25.87 -27.31 13.40
C ARG B 320 24.60 -26.96 12.64
N PRO B 321 23.69 -26.15 13.26
CA PRO B 321 22.41 -25.81 12.67
C PRO B 321 22.54 -24.87 11.48
N ILE B 322 21.85 -25.21 10.41
CA ILE B 322 21.90 -24.49 9.14
C ILE B 322 21.77 -22.96 9.31
N ASN B 323 20.90 -22.51 10.23
CA ASN B 323 20.67 -21.08 10.47
C ASN B 323 21.15 -20.58 11.83
N ALA B 324 22.29 -21.10 12.29
CA ALA B 324 22.94 -20.64 13.50
C ALA B 324 23.32 -19.18 13.35
N VAL B 325 23.37 -18.44 14.45
CA VAL B 325 23.77 -17.05 14.38
C VAL B 325 25.18 -16.89 14.93
N ASN B 326 25.52 -17.77 15.88
CA ASN B 326 26.86 -17.87 16.45
C ASN B 326 27.58 -19.04 15.82
N ARG B 327 28.82 -19.31 16.26
CA ARG B 327 29.55 -20.51 15.87
C ARG B 327 30.26 -21.10 17.09
N LEU B 328 30.20 -22.41 17.23
CA LEU B 328 30.71 -23.06 18.44
C LEU B 328 32.10 -23.73 18.29
N PRO B 329 33.05 -23.36 19.17
CA PRO B 329 34.45 -23.84 19.22
C PRO B 329 34.62 -25.34 18.95
PA NAD C . -7.96 2.28 -21.15
O1A NAD C . -8.87 2.77 -22.23
O2A NAD C . -6.45 2.41 -21.28
O5B NAD C . -8.26 0.73 -20.93
C5B NAD C . -9.60 0.30 -20.93
C4B NAD C . -9.48 -1.20 -20.86
O4B NAD C . -10.66 -1.87 -20.39
C3B NAD C . -9.15 -1.73 -22.25
O3B NAD C . -8.14 -2.70 -22.03
C2B NAD C . -10.41 -2.42 -22.69
O2B NAD C . -10.28 -3.53 -23.59
C1B NAD C . -10.95 -2.91 -21.36
N9A NAD C . -12.37 -3.11 -21.63
C8A NAD C . -13.20 -2.21 -22.23
N7A NAD C . -14.46 -2.72 -22.32
C5A NAD C . -14.43 -3.96 -21.79
C6A NAD C . -15.40 -5.04 -21.57
N6A NAD C . -16.70 -4.90 -21.95
N1A NAD C . -14.96 -6.18 -20.98
C2A NAD C . -13.68 -6.35 -20.61
N3A NAD C . -12.73 -5.41 -20.77
C4A NAD C . -13.05 -4.22 -21.34
O3 NAD C . -8.43 2.95 -19.78
PN NAD C . -7.47 3.05 -18.51
O1N NAD C . -6.63 4.29 -18.55
O2N NAD C . -6.82 1.70 -18.25
O5D NAD C . -8.58 3.34 -17.39
C5D NAD C . -9.83 2.65 -17.51
C4D NAD C . -10.89 3.42 -16.74
O4D NAD C . -10.50 3.66 -15.38
C3D NAD C . -11.10 4.79 -17.35
O3D NAD C . -12.04 4.81 -18.42
C2D NAD C . -11.63 5.58 -16.18
O2D NAD C . -13.05 5.53 -16.17
C1D NAD C . -11.07 4.90 -14.92
N1N NAD C . -10.08 5.79 -14.25
C2N NAD C . -10.22 6.15 -12.94
C3N NAD C . -9.29 6.99 -12.33
C7N NAD C . -9.35 7.42 -10.89
O7N NAD C . -9.17 8.61 -10.64
N7N NAD C . -9.54 6.53 -9.89
C4N NAD C . -8.21 7.47 -13.08
C5N NAD C . -8.07 7.10 -14.41
C6N NAD C . -9.03 6.26 -14.98
S SO4 D . -10.87 9.50 -15.14
O1 SO4 D . -11.98 10.38 -15.57
O2 SO4 D . -9.56 10.08 -15.49
O3 SO4 D . -11.02 9.26 -13.67
O4 SO4 D . -10.94 8.22 -15.89
PA NAD E . 19.58 -8.32 7.18
O1A NAD E . 20.54 -8.71 8.26
O2A NAD E . 19.45 -9.08 5.87
O5B NAD E . 19.84 -6.81 6.80
C5B NAD E . 20.52 -5.94 7.69
C4B NAD E . 20.96 -4.78 6.82
O4B NAD E . 21.09 -3.56 7.55
C3B NAD E . 22.33 -5.07 6.22
O3B NAD E . 22.28 -4.51 4.92
C2B NAD E . 23.22 -4.27 7.13
O2B NAD E . 24.48 -3.92 6.56
C1B NAD E . 22.40 -3.03 7.35
N9A NAD E . 22.99 -2.33 8.51
C8A NAD E . 23.42 -2.90 9.65
N7A NAD E . 23.93 -1.95 10.48
C5A NAD E . 23.84 -0.76 9.86
C6A NAD E . 24.20 0.65 10.18
N6A NAD E . 24.79 0.95 11.35
N1A NAD E . 23.93 1.60 9.25
C2A NAD E . 23.36 1.30 8.06
N3A NAD E . 23.03 0.04 7.69
C4A NAD E . 23.23 -1.02 8.55
O3 NAD E . 18.12 -8.21 7.88
PN NAD E . 16.68 -7.95 7.18
O1N NAD E . 16.14 -9.32 6.98
O2N NAD E . 16.74 -7.01 6.02
O5D NAD E . 15.87 -7.29 8.38
C5D NAD E . 16.55 -6.33 9.16
C4D NAD E . 15.77 -6.14 10.47
O4D NAD E . 14.36 -6.00 10.24
C3D NAD E . 15.90 -7.36 11.35
O3D NAD E . 17.09 -7.27 12.10
C2D NAD E . 14.64 -7.30 12.20
O2D NAD E . 14.85 -6.65 13.46
C1D NAD E . 13.67 -6.45 11.40
N1N NAD E . 12.52 -7.23 10.93
C2N NAD E . 11.24 -6.89 11.31
C3N NAD E . 10.15 -7.65 10.85
C7N NAD E . 8.72 -7.36 11.17
O7N NAD E . 7.93 -8.29 11.24
N7N NAD E . 8.30 -6.11 11.37
C4N NAD E . 10.41 -8.75 10.03
C5N NAD E . 11.72 -9.09 9.67
C6N NAD E . 12.77 -8.30 10.14
S SO4 F . 11.97 -10.15 13.34
O1 SO4 F . 12.30 -10.85 12.09
O2 SO4 F . 10.57 -9.64 13.35
O3 SO4 F . 12.19 -11.08 14.47
O4 SO4 F . 12.90 -9.02 13.50
#